data_7WSI
#
_entry.id   7WSI
#
_cell.length_a   1.00
_cell.length_b   1.00
_cell.length_c   1.00
_cell.angle_alpha   90.00
_cell.angle_beta   90.00
_cell.angle_gamma   90.00
#
_symmetry.space_group_name_H-M   'P 1'
#
loop_
_entity.id
_entity.type
_entity.pdbx_description
1 polymer 'Sodium/bile acid cotransporter'
2 polymer 'Fab heavy chain from antibody IgG clone number YN69202'
3 polymer 'Fab light chain from antibody IgG clone number YN69202'
#
loop_
_entity_poly.entity_id
_entity_poly.type
_entity_poly.pdbx_seq_one_letter_code
_entity_poly.pdbx_strand_id
1 'polypeptide(L)'
;MEAHNASAPFNFTLPPNFGKRPTDLALSVILVFMLFFIMLSLGCTMEFSKIKAHLWKPKGLAIALVAQYGIMPLTAFVLG
KVFRLKNIEALAILVCGCSPGGNLSNVFSLAMKGDMNLSIVMTTCSTFCALGMMPLLLYIYSRGIYDGDLKDKVPYKGIV
ISLVLVLIPCTIGIVLKSKRPQYMRYVIKGGMIIILLCSVAVTVLSAINVGKSIMFAMTPLLIATSSLMPFIGFLLGYVL
SALFCLNGRCRRTVSMETGCQNVQLCSTILNVAFPPEVIGPLFFFPLLYMIFQLGEGLLLIAIFWCYEKFKTPKDKTKMI
ENLYFQGDYKDDDDKHHHHHHHH
;
A
2 'polypeptide(L)'
;EVQLQQSGPELVKPGASVKMSCKASGYTFTSYIIHWVKQKPGQGLEWIGYINPYNDGTKYNEKFKGKGTLTSDKSSSTAY
MELSSLTSEDSAVYYCARSYYDGIPHYFDYWGQGTTLTVSSAKTTPPSVYPLAPGCGDTTGSSVTLGCLVKGYFPESVTV
TWNSGSLSSSVHTFPALLQSGLYTMSSSVTVPSSTWPSQTVTCSVAHPASSTTVDKKLEPSGPISTINPCPPCKECHKCP
APNLEGGPS
;
H
3 'polypeptide(L)'
;DIVMTQSPSSLAVSAGEKVTMSCKSSQSLFNSRTRRNYLAWYQQKPGQSPKLLIYWASTRESGVPDRFTGSGSGTDFTLT
ISSVQAEDLAVYYCKQSYYLLTFGAGTKLELKRADAAPTVSIFPPSSEQLTSGGASVVCFLNNFYPKDINVKWKIDGSER
QNGVLNSWTDQDSKDSTYSMSSTLTLTKDEYERHNSYTCEATHKTSTSPIVKSFNRNEC
;
L
#
# COMPACT_ATOMS: atom_id res chain seq x y z
N ASN A 5 -2.23 13.95 -13.88
CA ASN A 5 -2.61 12.98 -14.89
C ASN A 5 -2.70 11.58 -14.29
N ALA A 6 -3.06 11.52 -13.01
CA ALA A 6 -3.22 10.26 -12.26
C ALA A 6 -1.88 9.53 -12.26
N SER A 7 -1.89 8.20 -12.19
CA SER A 7 -0.66 7.40 -12.24
C SER A 7 -0.97 6.10 -12.95
N ALA A 8 -0.46 5.94 -14.16
CA ALA A 8 -0.71 4.79 -14.99
C ALA A 8 0.58 4.31 -15.63
N PRO A 9 0.71 3.02 -15.88
CA PRO A 9 1.95 2.53 -16.52
C PRO A 9 2.02 2.92 -17.98
N PHE A 10 3.25 2.93 -18.49
CA PHE A 10 3.47 3.38 -19.86
C PHE A 10 2.84 2.41 -20.85
N ASN A 11 2.48 2.96 -22.02
CA ASN A 11 1.94 2.14 -23.10
C ASN A 11 2.97 1.18 -23.68
N PHE A 12 4.25 1.37 -23.35
CA PHE A 12 5.30 0.49 -23.83
C PHE A 12 5.05 -0.94 -23.41
N THR A 13 5.05 -1.85 -24.38
CA THR A 13 4.88 -3.27 -24.12
C THR A 13 5.82 -4.05 -25.03
N LEU A 14 6.07 -5.31 -24.67
CA LEU A 14 7.02 -6.10 -25.40
C LEU A 14 6.39 -7.40 -25.89
N PRO A 15 6.88 -7.97 -27.00
CA PRO A 15 6.27 -9.19 -27.52
C PRO A 15 6.39 -10.33 -26.51
N PRO A 16 5.40 -11.23 -26.47
CA PRO A 16 5.46 -12.34 -25.52
C PRO A 16 6.64 -13.26 -25.72
N ASN A 17 7.07 -13.47 -26.98
CA ASN A 17 8.20 -14.35 -27.23
C ASN A 17 9.53 -13.75 -26.79
N PHE A 18 9.55 -12.44 -26.48
CA PHE A 18 10.79 -11.75 -26.17
C PHE A 18 11.54 -12.42 -25.03
N GLY A 19 10.82 -13.08 -24.11
CA GLY A 19 11.49 -13.76 -23.02
C GLY A 19 12.40 -14.87 -23.48
N LYS A 20 11.93 -15.68 -24.44
CA LYS A 20 12.63 -16.91 -24.82
C LYS A 20 12.67 -17.06 -26.33
N ARG A 21 12.86 -15.96 -27.06
CA ARG A 21 13.07 -16.07 -28.50
C ARG A 21 14.39 -16.77 -28.77
N PRO A 22 14.46 -17.58 -29.84
CA PRO A 22 15.77 -18.09 -30.27
C PRO A 22 16.74 -16.98 -30.63
N THR A 23 16.24 -15.85 -31.14
CA THR A 23 17.10 -14.73 -31.50
C THR A 23 17.78 -14.14 -30.27
N ASP A 24 17.06 -14.00 -29.16
CA ASP A 24 17.69 -13.47 -27.95
C ASP A 24 18.77 -14.42 -27.42
N LEU A 25 18.51 -15.71 -27.44
CA LEU A 25 19.51 -16.68 -27.01
C LEU A 25 20.73 -16.66 -27.93
N ALA A 26 20.50 -16.53 -29.23
CA ALA A 26 21.61 -16.40 -30.16
C ALA A 26 22.43 -15.14 -29.89
N LEU A 27 21.75 -14.02 -29.62
CA LEU A 27 22.46 -12.79 -29.29
C LEU A 27 23.30 -12.98 -28.03
N SER A 28 22.73 -13.65 -27.02
CA SER A 28 23.46 -13.85 -25.77
C SER A 28 24.71 -14.71 -25.99
N VAL A 29 24.58 -15.81 -26.72
CA VAL A 29 25.73 -16.70 -26.90
C VAL A 29 26.78 -16.02 -27.78
N ILE A 30 26.35 -15.27 -28.81
CA ILE A 30 27.30 -14.56 -29.64
C ILE A 30 28.03 -13.48 -28.85
N LEU A 31 27.33 -12.77 -27.95
CA LEU A 31 28.01 -11.80 -27.11
C LEU A 31 29.01 -12.47 -26.17
N VAL A 32 28.65 -13.61 -25.59
CA VAL A 32 29.58 -14.31 -24.71
C VAL A 32 30.82 -14.74 -25.47
N PHE A 33 30.65 -15.27 -26.68
CA PHE A 33 31.79 -15.66 -27.51
C PHE A 33 32.64 -14.45 -27.87
N MET A 34 32.00 -13.33 -28.20
CA MET A 34 32.73 -12.11 -28.52
C MET A 34 33.57 -11.66 -27.33
N LEU A 35 32.97 -11.63 -26.14
CA LEU A 35 33.71 -11.21 -24.95
C LEU A 35 34.87 -12.15 -24.67
N PHE A 36 34.65 -13.46 -24.83
CA PHE A 36 35.72 -14.41 -24.60
C PHE A 36 36.90 -14.15 -25.53
N PHE A 37 36.63 -13.92 -26.81
CA PHE A 37 37.72 -13.74 -27.76
C PHE A 37 38.38 -12.36 -27.63
N ILE A 38 37.59 -11.33 -27.32
CA ILE A 38 38.17 -10.04 -26.96
C ILE A 38 39.15 -10.20 -25.81
N MET A 39 38.75 -10.91 -24.76
CA MET A 39 39.60 -11.01 -23.58
C MET A 39 40.82 -11.87 -23.86
N LEU A 40 40.68 -12.87 -24.74
CA LEU A 40 41.85 -13.65 -25.15
C LEU A 40 42.86 -12.78 -25.90
N SER A 41 42.39 -12.07 -26.92
CA SER A 41 43.29 -11.21 -27.69
C SER A 41 43.89 -10.10 -26.84
N LEU A 42 43.18 -9.68 -25.79
CA LEU A 42 43.65 -8.55 -24.99
C LEU A 42 44.56 -9.03 -23.86
N GLY A 43 44.40 -10.29 -23.43
CA GLY A 43 45.36 -10.88 -22.51
C GLY A 43 46.59 -11.45 -23.18
N CYS A 44 46.56 -11.58 -24.50
CA CYS A 44 47.76 -11.98 -25.23
C CYS A 44 48.86 -10.93 -25.15
N THR A 45 48.54 -9.71 -24.70
CA THR A 45 49.52 -8.63 -24.58
C THR A 45 49.78 -8.25 -23.12
N MET A 46 49.77 -9.23 -22.22
CA MET A 46 49.97 -8.99 -20.80
C MET A 46 51.14 -9.81 -20.29
N GLU A 47 51.44 -9.66 -19.00
CA GLU A 47 52.45 -10.44 -18.32
C GLU A 47 52.13 -10.52 -16.83
N PHE A 48 52.52 -11.63 -16.22
CA PHE A 48 52.16 -11.87 -14.82
C PHE A 48 53.10 -11.13 -13.87
N SER A 49 54.32 -10.81 -14.29
CA SER A 49 55.24 -10.07 -13.43
C SER A 49 54.68 -8.70 -13.08
N LYS A 50 54.15 -7.99 -14.08
CA LYS A 50 53.65 -6.64 -13.83
C LYS A 50 52.35 -6.67 -13.04
N ILE A 51 51.49 -7.67 -13.27
CA ILE A 51 50.27 -7.74 -12.49
C ILE A 51 50.58 -8.09 -11.03
N LYS A 52 51.59 -8.94 -10.82
CA LYS A 52 52.02 -9.22 -9.45
C LYS A 52 52.58 -7.97 -8.80
N ALA A 53 53.36 -7.18 -9.54
CA ALA A 53 53.89 -5.94 -8.98
C ALA A 53 52.77 -4.95 -8.66
N HIS A 54 51.78 -4.83 -9.54
CA HIS A 54 50.67 -3.92 -9.31
C HIS A 54 49.83 -4.35 -8.11
N LEU A 55 49.55 -5.64 -7.96
CA LEU A 55 48.82 -6.10 -6.78
C LEU A 55 49.66 -5.97 -5.53
N TRP A 56 50.99 -6.03 -5.65
CA TRP A 56 51.86 -5.82 -4.51
C TRP A 56 51.75 -4.40 -3.97
N LYS A 57 51.64 -3.41 -4.87
CA LYS A 57 51.51 -2.00 -4.51
C LYS A 57 50.15 -1.53 -4.99
N PRO A 58 49.12 -1.59 -4.15
CA PRO A 58 47.74 -1.44 -4.64
C PRO A 58 47.31 0.00 -4.84
N LYS A 59 48.27 0.92 -4.96
CA LYS A 59 47.96 2.34 -5.05
C LYS A 59 46.94 2.62 -6.15
N GLY A 60 47.21 2.14 -7.37
CA GLY A 60 46.27 2.34 -8.46
C GLY A 60 44.96 1.62 -8.25
N LEU A 61 45.03 0.36 -7.79
CA LEU A 61 43.81 -0.39 -7.53
C LEU A 61 42.99 0.25 -6.42
N ALA A 62 43.66 0.72 -5.35
CA ALA A 62 42.94 1.36 -4.26
C ALA A 62 42.25 2.64 -4.73
N ILE A 63 42.95 3.45 -5.53
CA ILE A 63 42.34 4.68 -6.00
C ILE A 63 41.19 4.37 -6.95
N ALA A 64 41.31 3.31 -7.75
CA ALA A 64 40.21 2.91 -8.62
C ALA A 64 38.99 2.51 -7.82
N LEU A 65 39.17 1.69 -6.78
CA LEU A 65 38.05 1.28 -5.96
C LEU A 65 37.41 2.48 -5.26
N VAL A 66 38.22 3.40 -4.73
CA VAL A 66 37.68 4.58 -4.07
C VAL A 66 36.89 5.43 -5.06
N ALA A 67 37.41 5.58 -6.29
CA ALA A 67 36.74 6.41 -7.27
C ALA A 67 35.46 5.78 -7.79
N GLN A 68 35.38 4.43 -7.77
CA GLN A 68 34.18 3.80 -8.31
C GLN A 68 33.13 3.50 -7.24
N TYR A 69 33.49 3.52 -5.96
CA TYR A 69 32.59 3.00 -4.95
C TYR A 69 32.24 4.00 -3.86
N GLY A 70 33.07 5.00 -3.62
CA GLY A 70 32.78 5.95 -2.57
C GLY A 70 32.22 7.27 -3.06
N ILE A 71 32.62 7.69 -4.25
CA ILE A 71 32.30 9.01 -4.79
C ILE A 71 31.32 8.91 -5.95
N MET A 72 31.46 7.89 -6.78
CA MET A 72 30.53 7.71 -7.90
C MET A 72 29.10 7.46 -7.45
N PRO A 73 28.81 6.54 -6.53
CA PRO A 73 27.42 6.41 -6.06
C PRO A 73 26.89 7.66 -5.40
N LEU A 74 27.74 8.37 -4.65
CA LEU A 74 27.31 9.60 -4.00
C LEU A 74 26.92 10.65 -5.02
N THR A 75 27.72 10.81 -6.08
CA THR A 75 27.37 11.80 -7.09
C THR A 75 26.17 11.36 -7.91
N ALA A 76 25.98 10.05 -8.09
CA ALA A 76 24.75 9.58 -8.74
C ALA A 76 23.53 9.92 -7.91
N PHE A 77 23.60 9.71 -6.60
CA PHE A 77 22.50 10.05 -5.71
C PHE A 77 22.23 11.56 -5.72
N VAL A 78 23.29 12.37 -5.69
CA VAL A 78 23.12 13.82 -5.69
C VAL A 78 22.53 14.28 -7.02
N LEU A 79 22.94 13.65 -8.12
CA LEU A 79 22.36 13.98 -9.42
C LEU A 79 20.88 13.62 -9.47
N GLY A 80 20.51 12.47 -8.90
CA GLY A 80 19.11 12.10 -8.86
C GLY A 80 18.28 13.04 -8.01
N LYS A 81 18.85 13.53 -6.92
CA LYS A 81 18.12 14.45 -6.06
C LYS A 81 17.97 15.83 -6.71
N VAL A 82 19.05 16.32 -7.32
CA VAL A 82 19.05 17.69 -7.86
C VAL A 82 18.20 17.78 -9.11
N PHE A 83 18.35 16.82 -10.03
CA PHE A 83 17.62 16.85 -11.29
C PHE A 83 16.14 16.55 -11.13
N ARG A 84 15.70 16.09 -9.95
CA ARG A 84 14.29 15.81 -9.68
C ARG A 84 13.75 14.71 -10.57
N LEU A 85 14.49 13.59 -10.64
CA LEU A 85 14.02 12.43 -11.37
C LEU A 85 12.98 11.67 -10.55
N LYS A 86 12.20 10.84 -11.25
CA LYS A 86 11.21 10.01 -10.58
C LYS A 86 11.91 8.88 -9.80
N ASN A 87 11.10 8.02 -9.20
CA ASN A 87 11.66 6.92 -8.43
C ASN A 87 12.40 5.93 -9.33
N ILE A 88 11.77 5.52 -10.44
CA ILE A 88 12.39 4.53 -11.31
C ILE A 88 13.69 5.07 -11.90
N GLU A 89 13.65 6.32 -12.38
CA GLU A 89 14.85 6.91 -12.99
C GLU A 89 15.96 7.08 -11.97
N ALA A 90 15.62 7.51 -10.75
CA ALA A 90 16.63 7.68 -9.72
C ALA A 90 17.27 6.33 -9.36
N LEU A 91 16.44 5.29 -9.21
CA LEU A 91 16.99 3.97 -8.91
C LEU A 91 17.86 3.46 -10.05
N ALA A 92 17.45 3.72 -11.30
CA ALA A 92 18.23 3.25 -12.44
C ALA A 92 19.59 3.92 -12.47
N ILE A 93 19.64 5.25 -12.32
CA ILE A 93 20.93 5.92 -12.36
C ILE A 93 21.78 5.53 -11.15
N LEU A 94 21.17 5.31 -9.99
CA LEU A 94 21.93 4.90 -8.82
C LEU A 94 22.56 3.52 -9.04
N VAL A 95 21.78 2.57 -9.58
CA VAL A 95 22.30 1.23 -9.84
C VAL A 95 23.40 1.28 -10.89
N CYS A 96 23.24 2.15 -11.90
CA CYS A 96 24.30 2.32 -12.88
C CYS A 96 25.57 2.86 -12.23
N GLY A 97 25.42 3.81 -11.29
CA GLY A 97 26.59 4.35 -10.61
C GLY A 97 27.29 3.33 -9.73
N CYS A 98 26.53 2.49 -9.04
CA CYS A 98 27.13 1.52 -8.14
C CYS A 98 27.67 0.27 -8.84
N SER A 99 27.53 0.18 -10.16
CA SER A 99 27.96 -1.01 -10.88
C SER A 99 29.48 -1.08 -10.94
N PRO A 100 30.05 -2.27 -11.09
CA PRO A 100 31.51 -2.39 -11.19
C PRO A 100 32.03 -1.97 -12.56
N GLY A 101 33.35 -2.04 -12.70
CA GLY A 101 34.01 -1.73 -13.95
C GLY A 101 33.66 -2.67 -15.08
N GLY A 102 33.28 -2.11 -16.23
CA GLY A 102 32.93 -2.92 -17.37
C GLY A 102 34.13 -3.49 -18.08
N ASN A 103 33.88 -4.52 -18.89
CA ASN A 103 34.95 -5.15 -19.66
C ASN A 103 35.34 -4.30 -20.86
N LEU A 104 34.45 -3.41 -21.29
CA LEU A 104 34.78 -2.49 -22.39
C LEU A 104 35.93 -1.56 -22.00
N SER A 105 36.11 -1.34 -20.69
CA SER A 105 37.19 -0.46 -20.24
C SER A 105 38.55 -1.02 -20.59
N ASN A 106 38.69 -2.35 -20.65
CA ASN A 106 39.96 -2.94 -21.06
C ASN A 106 40.28 -2.60 -22.51
N VAL A 107 39.30 -2.74 -23.40
CA VAL A 107 39.50 -2.40 -24.81
C VAL A 107 39.82 -0.91 -24.94
N PHE A 108 39.10 -0.09 -24.18
CA PHE A 108 39.32 1.35 -24.28
C PHE A 108 40.70 1.75 -23.76
N SER A 109 41.16 1.10 -22.68
CA SER A 109 42.52 1.34 -22.20
C SER A 109 43.56 0.87 -23.21
N LEU A 110 43.29 -0.24 -23.90
CA LEU A 110 44.17 -0.67 -24.98
C LEU A 110 44.22 0.37 -26.08
N ALA A 111 43.08 1.01 -26.37
CA ALA A 111 43.08 2.14 -27.29
C ALA A 111 43.94 3.28 -26.76
N MET A 112 43.89 3.53 -25.45
CA MET A 112 44.76 4.54 -24.85
C MET A 112 46.14 3.96 -24.54
N LYS A 113 46.33 2.65 -24.77
CA LYS A 113 47.63 1.98 -24.69
C LYS A 113 48.37 2.27 -23.38
N GLY A 114 47.69 2.07 -22.26
CA GLY A 114 48.34 2.28 -20.98
C GLY A 114 48.12 1.20 -19.93
N ASP A 115 49.21 0.55 -19.53
CA ASP A 115 49.26 -0.30 -18.34
C ASP A 115 48.11 -1.30 -18.28
N MET A 116 48.10 -2.23 -19.24
CA MET A 116 47.03 -3.20 -19.34
C MET A 116 46.95 -4.10 -18.11
N ASN A 117 48.09 -4.44 -17.52
CA ASN A 117 48.09 -5.30 -16.34
C ASN A 117 47.36 -4.62 -15.18
N LEU A 118 47.64 -3.33 -14.96
CA LEU A 118 46.96 -2.60 -13.89
C LEU A 118 45.47 -2.48 -14.17
N SER A 119 45.11 -2.27 -15.44
CA SER A 119 43.69 -2.21 -15.79
C SER A 119 42.97 -3.51 -15.49
N ILE A 120 43.59 -4.65 -15.86
CA ILE A 120 42.91 -5.92 -15.64
C ILE A 120 42.83 -6.24 -14.15
N VAL A 121 43.87 -5.90 -13.39
CA VAL A 121 43.82 -6.19 -11.96
C VAL A 121 42.75 -5.33 -11.29
N MET A 122 42.63 -4.06 -11.67
CA MET A 122 41.60 -3.24 -11.02
C MET A 122 40.20 -3.68 -11.46
N THR A 123 40.03 -4.10 -12.72
CA THR A 123 38.68 -4.48 -13.13
C THR A 123 38.25 -5.79 -12.46
N THR A 124 39.16 -6.76 -12.32
CA THR A 124 38.77 -7.99 -11.65
C THR A 124 38.54 -7.76 -10.16
N CYS A 125 39.39 -6.96 -9.51
CA CYS A 125 39.18 -6.68 -8.09
C CYS A 125 37.92 -5.84 -7.89
N SER A 126 37.57 -5.01 -8.88
CA SER A 126 36.38 -4.19 -8.76
C SER A 126 35.12 -5.03 -8.91
N THR A 127 35.13 -6.01 -9.82
CA THR A 127 34.01 -6.94 -9.89
C THR A 127 33.87 -7.73 -8.58
N PHE A 128 34.99 -8.18 -8.02
CA PHE A 128 34.94 -8.90 -6.75
C PHE A 128 34.38 -8.02 -5.64
N CYS A 129 34.83 -6.76 -5.57
CA CYS A 129 34.32 -5.86 -4.54
C CYS A 129 32.87 -5.48 -4.78
N ALA A 130 32.44 -5.50 -6.05
CA ALA A 130 31.03 -5.31 -6.35
C ALA A 130 30.21 -6.42 -5.74
N LEU A 131 30.59 -7.67 -6.02
CA LEU A 131 29.93 -8.80 -5.38
C LEU A 131 29.96 -8.66 -3.87
N GLY A 132 31.05 -8.12 -3.33
CA GLY A 132 31.17 -7.99 -1.88
C GLY A 132 30.21 -6.99 -1.27
N MET A 133 30.11 -5.78 -1.87
CA MET A 133 29.48 -4.69 -1.14
C MET A 133 28.50 -3.85 -1.96
N MET A 134 28.08 -4.30 -3.13
CA MET A 134 26.98 -3.60 -3.81
C MET A 134 25.69 -3.62 -3.00
N PRO A 135 25.28 -4.73 -2.40
CA PRO A 135 24.02 -4.71 -1.64
C PRO A 135 23.97 -3.67 -0.53
N LEU A 136 25.00 -3.59 0.33
CA LEU A 136 24.93 -2.67 1.46
C LEU A 136 24.91 -1.22 1.02
N LEU A 137 25.72 -0.88 0.01
CA LEU A 137 25.77 0.50 -0.45
C LEU A 137 24.50 0.88 -1.21
N LEU A 138 23.99 -0.02 -2.05
CA LEU A 138 22.71 0.21 -2.69
C LEU A 138 21.59 0.34 -1.67
N TYR A 139 21.72 -0.37 -0.54
CA TYR A 139 20.71 -0.29 0.52
C TYR A 139 20.77 1.06 1.22
N ILE A 140 21.96 1.52 1.59
CA ILE A 140 22.06 2.79 2.32
C ILE A 140 21.73 3.96 1.41
N TYR A 141 21.97 3.82 0.10
CA TYR A 141 21.67 4.91 -0.82
C TYR A 141 20.23 4.90 -1.33
N SER A 142 19.46 3.84 -1.07
CA SER A 142 18.09 3.73 -1.56
C SER A 142 17.07 3.99 -0.47
N ARG A 143 17.33 4.97 0.40
CA ARG A 143 16.33 5.38 1.37
C ARG A 143 15.37 6.36 0.69
N GLY A 144 14.08 6.07 0.78
CA GLY A 144 13.08 6.83 0.05
C GLY A 144 12.79 6.33 -1.35
N ILE A 145 13.55 5.34 -1.82
CA ILE A 145 13.32 4.70 -3.12
C ILE A 145 13.28 3.20 -2.90
N TYR A 146 12.25 2.55 -3.43
CA TYR A 146 12.14 1.09 -3.36
C TYR A 146 12.17 0.59 -1.91
N ASP A 147 11.08 0.91 -1.20
CA ASP A 147 10.89 0.42 0.17
C ASP A 147 11.15 -1.07 0.31
N GLY A 148 11.05 -1.84 -0.78
CA GLY A 148 11.35 -3.26 -0.71
C GLY A 148 12.80 -3.52 -0.37
N ASP A 149 13.11 -4.81 -0.17
CA ASP A 149 14.43 -5.19 0.33
C ASP A 149 15.54 -4.79 -0.62
N LEU A 150 15.44 -5.21 -1.89
CA LEU A 150 16.35 -4.88 -2.99
C LEU A 150 17.71 -5.54 -2.84
N LYS A 151 17.99 -6.20 -1.70
CA LYS A 151 19.28 -6.83 -1.52
C LYS A 151 19.36 -8.17 -2.25
N ASP A 152 18.22 -8.85 -2.39
CA ASP A 152 18.18 -10.17 -3.00
C ASP A 152 17.93 -10.13 -4.50
N LYS A 153 17.88 -8.94 -5.10
CA LYS A 153 17.59 -8.85 -6.53
C LYS A 153 18.84 -8.61 -7.36
N VAL A 154 19.90 -8.09 -6.76
CA VAL A 154 21.16 -7.93 -7.50
C VAL A 154 21.69 -9.30 -7.90
N PRO A 155 22.19 -9.48 -9.11
CA PRO A 155 22.67 -10.80 -9.51
C PRO A 155 23.97 -11.16 -8.83
N TYR A 156 24.06 -12.41 -8.41
CA TYR A 156 25.31 -12.99 -7.92
C TYR A 156 25.84 -14.08 -8.81
N LYS A 157 24.97 -14.85 -9.45
CA LYS A 157 25.41 -15.76 -10.49
C LYS A 157 26.01 -15.00 -11.67
N GLY A 158 25.36 -13.91 -12.09
CA GLY A 158 25.88 -13.14 -13.20
C GLY A 158 27.27 -12.61 -12.95
N ILE A 159 27.51 -12.13 -11.73
CA ILE A 159 28.82 -11.55 -11.41
C ILE A 159 29.91 -12.61 -11.46
N VAL A 160 29.66 -13.77 -10.86
CA VAL A 160 30.70 -14.81 -10.86
C VAL A 160 30.93 -15.35 -12.26
N ILE A 161 29.87 -15.52 -13.06
CA ILE A 161 30.07 -15.99 -14.44
C ILE A 161 30.86 -14.96 -15.24
N SER A 162 30.56 -13.66 -15.05
CA SER A 162 31.33 -12.63 -15.74
C SER A 162 32.80 -12.67 -15.32
N LEU A 163 33.05 -12.80 -14.02
CA LEU A 163 34.43 -12.89 -13.54
C LEU A 163 35.15 -14.09 -14.15
N VAL A 164 34.47 -15.23 -14.24
CA VAL A 164 35.11 -16.43 -14.79
C VAL A 164 35.39 -16.26 -16.27
N LEU A 165 34.42 -15.75 -17.03
CA LEU A 165 34.63 -15.59 -18.47
C LEU A 165 35.57 -14.43 -18.80
N VAL A 166 35.93 -13.61 -17.82
CA VAL A 166 36.99 -12.64 -18.04
C VAL A 166 38.35 -13.22 -17.64
N LEU A 167 38.39 -13.98 -16.54
CA LEU A 167 39.67 -14.49 -16.06
C LEU A 167 40.20 -15.62 -16.95
N ILE A 168 39.31 -16.46 -17.47
CA ILE A 168 39.77 -17.60 -18.28
C ILE A 168 40.56 -17.16 -19.50
N PRO A 169 40.07 -16.26 -20.36
CA PRO A 169 40.90 -15.85 -21.50
C PRO A 169 42.18 -15.14 -21.09
N CYS A 170 42.12 -14.33 -20.03
CA CYS A 170 43.33 -13.67 -19.54
C CYS A 170 44.35 -14.70 -19.06
N THR A 171 43.90 -15.72 -18.32
CA THR A 171 44.81 -16.75 -17.86
C THR A 171 45.40 -17.53 -19.02
N ILE A 172 44.59 -17.83 -20.03
CA ILE A 172 45.08 -18.53 -21.21
C ILE A 172 46.15 -17.68 -21.91
N GLY A 173 45.90 -16.38 -22.06
CA GLY A 173 46.88 -15.52 -22.69
C GLY A 173 48.18 -15.43 -21.91
N ILE A 174 48.07 -15.29 -20.58
CA ILE A 174 49.27 -15.25 -19.74
C ILE A 174 50.08 -16.53 -19.91
N VAL A 175 49.42 -17.68 -19.80
CA VAL A 175 50.12 -18.95 -19.87
C VAL A 175 50.74 -19.13 -21.25
N LEU A 176 50.02 -18.72 -22.30
CA LEU A 176 50.52 -18.91 -23.66
C LEU A 176 51.74 -18.03 -23.93
N LYS A 177 51.70 -16.77 -23.50
CA LYS A 177 52.87 -15.91 -23.67
C LYS A 177 54.05 -16.39 -22.84
N SER A 178 53.81 -16.81 -21.59
CA SER A 178 54.92 -17.22 -20.74
C SER A 178 55.56 -18.52 -21.24
N LYS A 179 54.75 -19.47 -21.69
CA LYS A 179 55.27 -20.77 -22.06
C LYS A 179 55.83 -20.80 -23.48
N ARG A 180 54.98 -20.58 -24.48
CA ARG A 180 55.32 -20.79 -25.88
C ARG A 180 54.68 -19.68 -26.72
N PRO A 181 55.33 -18.52 -26.81
CA PRO A 181 54.86 -17.43 -27.70
C PRO A 181 55.31 -17.54 -29.16
N GLN A 182 54.72 -18.49 -29.90
CA GLN A 182 55.05 -18.67 -31.30
C GLN A 182 53.86 -18.65 -32.25
N TYR A 183 52.62 -18.72 -31.75
CA TYR A 183 51.46 -18.59 -32.61
C TYR A 183 50.72 -17.29 -32.34
N MET A 184 51.46 -16.23 -32.00
CA MET A 184 50.82 -14.93 -31.78
C MET A 184 50.17 -14.43 -33.05
N ARG A 185 50.89 -14.45 -34.17
CA ARG A 185 50.39 -13.85 -35.41
C ARG A 185 49.10 -14.53 -35.88
N TYR A 186 49.14 -15.86 -36.01
CA TYR A 186 47.98 -16.57 -36.54
C TYR A 186 46.77 -16.46 -35.60
N VAL A 187 46.98 -16.69 -34.31
CA VAL A 187 45.87 -16.67 -33.37
C VAL A 187 45.26 -15.28 -33.29
N ILE A 188 46.08 -14.24 -33.21
CA ILE A 188 45.55 -12.88 -33.09
C ILE A 188 44.86 -12.45 -34.38
N LYS A 189 45.39 -12.87 -35.54
CA LYS A 189 44.74 -12.52 -36.80
C LYS A 189 43.39 -13.20 -36.92
N GLY A 190 43.32 -14.49 -36.59
CA GLY A 190 42.04 -15.17 -36.57
C GLY A 190 41.07 -14.55 -35.57
N GLY A 191 41.58 -14.17 -34.41
CA GLY A 191 40.74 -13.49 -33.44
C GLY A 191 40.20 -12.18 -33.96
N MET A 192 41.04 -11.40 -34.64
CA MET A 192 40.58 -10.12 -35.18
C MET A 192 39.50 -10.33 -36.23
N ILE A 193 39.69 -11.29 -37.14
CA ILE A 193 38.70 -11.49 -38.18
C ILE A 193 37.39 -12.00 -37.57
N ILE A 194 37.47 -12.93 -36.61
CA ILE A 194 36.25 -13.46 -36.00
C ILE A 194 35.55 -12.40 -35.18
N ILE A 195 36.31 -11.49 -34.56
CA ILE A 195 35.70 -10.41 -33.79
C ILE A 195 35.01 -9.41 -34.71
N LEU A 196 35.62 -9.10 -35.86
CA LEU A 196 34.95 -8.22 -36.81
C LEU A 196 33.65 -8.85 -37.32
N LEU A 197 33.71 -10.14 -37.67
CA LEU A 197 32.51 -10.84 -38.11
C LEU A 197 31.45 -10.88 -37.02
N CYS A 198 31.87 -11.13 -35.78
CA CYS A 198 30.94 -11.20 -34.65
C CYS A 198 30.32 -9.84 -34.36
N SER A 199 31.09 -8.77 -34.45
CA SER A 199 30.55 -7.43 -34.26
C SER A 199 29.52 -7.10 -35.34
N VAL A 200 29.81 -7.47 -36.59
CA VAL A 200 28.85 -7.27 -37.66
C VAL A 200 27.56 -8.05 -37.37
N ALA A 201 27.71 -9.30 -36.93
CA ALA A 201 26.54 -10.12 -36.63
C ALA A 201 25.71 -9.52 -35.52
N VAL A 202 26.36 -9.06 -34.45
CA VAL A 202 25.64 -8.45 -33.34
C VAL A 202 24.92 -7.19 -33.78
N THR A 203 25.60 -6.34 -34.55
CA THR A 203 24.99 -5.09 -34.99
C THR A 203 23.78 -5.35 -35.88
N VAL A 204 23.88 -6.35 -36.77
CA VAL A 204 22.75 -6.65 -37.64
C VAL A 204 21.61 -7.28 -36.86
N LEU A 205 21.92 -8.18 -35.92
CA LEU A 205 20.89 -8.93 -35.23
C LEU A 205 20.14 -8.07 -34.22
N SER A 206 20.87 -7.19 -33.53
CA SER A 206 20.21 -6.33 -32.54
C SER A 206 19.24 -5.35 -33.19
N ALA A 207 19.46 -5.01 -34.45
CA ALA A 207 18.57 -4.08 -35.14
C ALA A 207 17.16 -4.64 -35.22
N ILE A 208 17.02 -5.94 -35.50
CA ILE A 208 15.71 -6.56 -35.54
C ILE A 208 15.29 -7.12 -34.18
N ASN A 209 16.23 -7.39 -33.28
CA ASN A 209 15.87 -7.91 -31.97
C ASN A 209 15.30 -6.82 -31.07
N VAL A 210 15.88 -5.61 -31.11
CA VAL A 210 15.44 -4.54 -30.21
C VAL A 210 14.20 -3.85 -30.77
N GLY A 211 14.35 -3.21 -31.94
CA GLY A 211 13.24 -2.50 -32.55
C GLY A 211 12.69 -1.38 -31.69
N LYS A 212 11.54 -0.84 -32.10
CA LYS A 212 10.79 0.14 -31.30
C LYS A 212 11.65 1.36 -30.96
N SER A 213 12.04 2.09 -32.01
CA SER A 213 12.86 3.29 -31.86
C SER A 213 11.98 4.43 -31.33
N ILE A 214 11.48 4.23 -30.10
CA ILE A 214 10.70 5.25 -29.40
C ILE A 214 11.49 5.72 -28.20
N MET A 215 12.80 5.44 -28.21
CA MET A 215 13.68 5.80 -27.10
C MET A 215 13.78 7.30 -26.89
N PHE A 216 13.54 8.12 -27.92
CA PHE A 216 13.55 9.56 -27.80
C PHE A 216 12.41 10.09 -26.93
N ALA A 217 11.40 9.28 -26.67
CA ALA A 217 10.34 9.65 -25.73
C ALA A 217 10.85 9.80 -24.31
N MET A 218 12.05 9.30 -24.02
CA MET A 218 12.69 9.52 -22.74
C MET A 218 12.85 11.02 -22.48
N THR A 219 12.57 11.42 -21.24
CA THR A 219 12.60 12.83 -20.90
C THR A 219 14.02 13.39 -21.09
N PRO A 220 14.16 14.62 -21.59
CA PRO A 220 15.48 15.12 -21.97
C PRO A 220 16.49 15.16 -20.84
N LEU A 221 16.06 15.47 -19.61
CA LEU A 221 17.05 15.60 -18.53
C LEU A 221 17.59 14.24 -18.11
N LEU A 222 16.83 13.17 -18.33
CA LEU A 222 17.39 11.83 -18.12
C LEU A 222 18.51 11.56 -19.11
N ILE A 223 18.33 11.98 -20.36
CA ILE A 223 19.43 11.89 -21.32
C ILE A 223 20.60 12.75 -20.88
N ALA A 224 20.30 13.93 -20.31
CA ALA A 224 21.37 14.82 -19.83
C ALA A 224 22.19 14.15 -18.73
N THR A 225 21.52 13.49 -17.78
CA THR A 225 22.26 12.86 -16.69
C THR A 225 22.97 11.58 -17.15
N SER A 226 22.37 10.84 -18.08
CA SER A 226 23.07 9.68 -18.65
C SER A 226 24.24 10.11 -19.52
N SER A 227 24.24 11.37 -19.96
CA SER A 227 25.40 11.93 -20.64
C SER A 227 26.47 12.41 -19.66
N LEU A 228 26.04 13.02 -18.55
CA LEU A 228 27.00 13.57 -17.61
C LEU A 228 27.68 12.49 -16.79
N MET A 229 27.01 11.37 -16.54
CA MET A 229 27.58 10.34 -15.68
C MET A 229 28.87 9.75 -16.21
N PRO A 230 28.97 9.28 -17.46
CA PRO A 230 30.27 8.81 -17.94
C PRO A 230 31.34 9.89 -17.97
N PHE A 231 30.97 11.12 -18.34
CA PHE A 231 31.97 12.18 -18.40
C PHE A 231 32.46 12.54 -17.00
N ILE A 232 31.55 12.61 -16.03
CA ILE A 232 31.98 12.93 -14.68
C ILE A 232 32.82 11.78 -14.12
N GLY A 233 32.51 10.53 -14.50
CA GLY A 233 33.36 9.43 -14.08
C GLY A 233 34.76 9.53 -14.65
N PHE A 234 34.87 9.83 -15.94
CA PHE A 234 36.19 10.00 -16.57
C PHE A 234 36.97 11.12 -15.90
N LEU A 235 36.34 12.28 -15.75
CA LEU A 235 37.02 13.42 -15.14
C LEU A 235 37.42 13.13 -13.70
N LEU A 236 36.54 12.48 -12.95
CA LEU A 236 36.84 12.16 -11.56
C LEU A 236 38.03 11.22 -11.46
N GLY A 237 38.06 10.18 -12.29
CA GLY A 237 39.20 9.27 -12.27
C GLY A 237 40.49 9.97 -12.64
N TYR A 238 40.45 10.78 -13.71
CA TYR A 238 41.67 11.46 -14.15
C TYR A 238 42.19 12.41 -13.09
N VAL A 239 41.30 13.24 -12.52
CA VAL A 239 41.74 14.22 -11.54
C VAL A 239 42.23 13.53 -10.27
N LEU A 240 41.50 12.50 -9.82
CA LEU A 240 41.89 11.80 -8.62
C LEU A 240 43.25 11.14 -8.78
N SER A 241 43.51 10.52 -9.94
CA SER A 241 44.81 9.90 -10.17
C SER A 241 45.91 10.94 -10.29
N ALA A 242 45.66 12.03 -11.03
CA ALA A 242 46.69 13.03 -11.27
C ALA A 242 47.09 13.74 -9.98
N LEU A 243 46.11 14.25 -9.22
CA LEU A 243 46.42 14.93 -7.98
C LEU A 243 46.82 13.99 -6.86
N PHE A 244 47.00 12.70 -7.15
CA PHE A 244 47.47 11.74 -6.18
C PHE A 244 48.91 11.33 -6.46
N CYS A 245 49.58 12.03 -7.38
CA CYS A 245 50.98 11.82 -7.71
C CYS A 245 51.24 10.42 -8.27
N LEU A 246 50.64 10.16 -9.44
CA LEU A 246 50.91 8.96 -10.22
C LEU A 246 51.35 9.35 -11.62
N ASN A 247 52.10 8.46 -12.27
CA ASN A 247 52.67 8.76 -13.57
C ASN A 247 51.58 8.80 -14.64
N GLY A 248 51.93 9.40 -15.78
CA GLY A 248 50.94 9.60 -16.83
C GLY A 248 50.44 8.31 -17.46
N ARG A 249 51.34 7.36 -17.67
CA ARG A 249 50.94 6.10 -18.31
C ARG A 249 49.98 5.30 -17.43
N CYS A 250 50.13 5.39 -16.11
CA CYS A 250 49.32 4.61 -15.19
C CYS A 250 48.07 5.34 -14.72
N ARG A 251 47.81 6.54 -15.21
CA ARG A 251 46.65 7.32 -14.79
C ARG A 251 45.53 7.36 -15.81
N ARG A 252 45.84 7.32 -17.11
CA ARG A 252 44.78 7.27 -18.11
C ARG A 252 43.96 5.99 -17.96
N THR A 253 44.62 4.87 -17.70
CA THR A 253 43.90 3.62 -17.54
C THR A 253 43.00 3.65 -16.31
N VAL A 254 43.47 4.25 -15.20
CA VAL A 254 42.63 4.36 -14.01
C VAL A 254 41.42 5.24 -14.30
N SER A 255 41.65 6.39 -14.95
CA SER A 255 40.55 7.28 -15.26
C SER A 255 39.51 6.60 -16.13
N MET A 256 39.94 5.93 -17.19
CA MET A 256 38.99 5.38 -18.15
C MET A 256 38.40 4.06 -17.65
N GLU A 257 39.02 3.46 -16.64
CA GLU A 257 38.37 2.35 -15.93
C GLU A 257 37.27 2.85 -15.02
N THR A 258 37.52 3.94 -14.29
CA THR A 258 36.47 4.48 -13.43
C THR A 258 35.30 5.02 -14.25
N GLY A 259 35.59 5.62 -15.40
CA GLY A 259 34.51 6.13 -16.23
C GLY A 259 33.62 5.04 -16.81
N CYS A 260 34.22 3.95 -17.28
CA CYS A 260 33.46 2.87 -17.89
C CYS A 260 32.94 1.91 -16.82
N GLN A 261 31.67 1.53 -16.94
CA GLN A 261 31.01 0.69 -15.95
C GLN A 261 30.13 -0.34 -16.66
N ASN A 262 29.90 -1.45 -15.97
CA ASN A 262 28.96 -2.46 -16.45
C ASN A 262 27.54 -1.96 -16.28
N VAL A 263 26.67 -2.36 -17.22
CA VAL A 263 25.27 -1.94 -17.18
C VAL A 263 24.30 -3.08 -17.37
N GLN A 264 24.75 -4.30 -17.62
CA GLN A 264 23.81 -5.41 -17.79
C GLN A 264 23.16 -5.78 -16.47
N LEU A 265 23.88 -5.64 -15.36
CA LEU A 265 23.30 -5.93 -14.05
C LEU A 265 22.22 -4.92 -13.70
N CYS A 266 22.34 -3.68 -14.18
CA CYS A 266 21.26 -2.73 -14.02
C CYS A 266 20.00 -3.19 -14.75
N SER A 267 20.17 -3.72 -15.95
CA SER A 267 19.03 -4.28 -16.68
C SER A 267 18.40 -5.44 -15.91
N THR A 268 19.24 -6.34 -15.37
CA THR A 268 18.70 -7.48 -14.65
C THR A 268 17.93 -7.04 -13.40
N ILE A 269 18.49 -6.11 -12.63
CA ILE A 269 17.82 -5.69 -11.40
C ILE A 269 16.54 -4.93 -11.71
N LEU A 270 16.55 -4.07 -12.73
CA LEU A 270 15.33 -3.34 -13.08
C LEU A 270 14.26 -4.28 -13.61
N ASN A 271 14.62 -5.27 -14.40
CA ASN A 271 13.61 -6.19 -14.93
C ASN A 271 13.09 -7.14 -13.87
N VAL A 272 13.91 -7.49 -12.89
CA VAL A 272 13.41 -8.29 -11.78
C VAL A 272 12.48 -7.46 -10.90
N ALA A 273 12.82 -6.19 -10.65
CA ALA A 273 12.00 -5.38 -9.75
C ALA A 273 10.67 -4.96 -10.37
N PHE A 274 10.66 -4.61 -11.66
CA PHE A 274 9.47 -4.01 -12.25
C PHE A 274 9.12 -4.68 -13.57
N PRO A 275 7.84 -4.65 -13.96
CA PRO A 275 7.46 -5.22 -15.24
C PRO A 275 7.94 -4.34 -16.38
N PRO A 276 7.99 -4.88 -17.61
CA PRO A 276 8.35 -4.03 -18.76
C PRO A 276 7.32 -2.95 -19.06
N GLU A 277 6.14 -2.99 -18.44
CA GLU A 277 5.13 -1.97 -18.67
C GLU A 277 5.25 -0.81 -17.68
N VAL A 278 5.58 -1.11 -16.43
CA VAL A 278 5.84 -0.03 -15.46
C VAL A 278 7.08 0.76 -15.89
N ILE A 279 8.10 0.06 -16.36
CA ILE A 279 9.29 0.70 -16.89
C ILE A 279 9.01 1.19 -18.29
N GLY A 280 9.26 2.47 -18.55
CA GLY A 280 9.03 3.05 -19.84
C GLY A 280 10.26 2.94 -20.72
N PRO A 281 10.83 4.09 -21.12
CA PRO A 281 12.09 4.05 -21.86
C PRO A 281 13.27 3.61 -21.02
N LEU A 282 13.11 3.49 -19.70
CA LEU A 282 14.20 3.03 -18.86
C LEU A 282 14.59 1.60 -19.16
N PHE A 283 13.75 0.86 -19.88
CA PHE A 283 14.13 -0.48 -20.32
C PHE A 283 15.29 -0.42 -21.30
N PHE A 284 15.26 0.53 -22.23
CA PHE A 284 16.36 0.74 -23.16
C PHE A 284 17.34 1.80 -22.68
N PHE A 285 17.12 2.37 -21.49
CA PHE A 285 18.07 3.34 -20.94
C PHE A 285 19.49 2.80 -20.82
N PRO A 286 19.74 1.61 -20.27
CA PRO A 286 21.14 1.15 -20.17
C PRO A 286 21.83 1.01 -21.52
N LEU A 287 21.10 0.60 -22.56
CA LEU A 287 21.70 0.53 -23.88
C LEU A 287 22.12 1.90 -24.37
N LEU A 288 21.29 2.92 -24.12
CA LEU A 288 21.66 4.29 -24.46
C LEU A 288 22.89 4.75 -23.66
N TYR A 289 22.92 4.42 -22.37
CA TYR A 289 24.02 4.84 -21.52
C TYR A 289 25.33 4.22 -21.99
N MET A 290 25.29 2.94 -22.38
CA MET A 290 26.50 2.26 -22.83
C MET A 290 27.03 2.85 -24.13
N ILE A 291 26.15 3.08 -25.11
CA ILE A 291 26.61 3.62 -26.38
C ILE A 291 27.08 5.06 -26.21
N PHE A 292 26.47 5.78 -25.27
CA PHE A 292 26.90 7.16 -25.04
C PHE A 292 28.28 7.20 -24.39
N GLN A 293 28.54 6.29 -23.44
CA GLN A 293 29.88 6.24 -22.86
C GLN A 293 30.90 5.74 -23.89
N LEU A 294 30.48 4.88 -24.82
CA LEU A 294 31.36 4.49 -25.91
C LEU A 294 31.72 5.68 -26.79
N GLY A 295 30.73 6.51 -27.12
CA GLY A 295 31.01 7.70 -27.91
C GLY A 295 31.91 8.68 -27.19
N GLU A 296 31.67 8.87 -25.89
CA GLU A 296 32.52 9.76 -25.10
C GLU A 296 33.95 9.24 -25.05
N GLY A 297 34.12 7.92 -24.90
CA GLY A 297 35.45 7.35 -24.94
C GLY A 297 36.13 7.53 -26.28
N LEU A 298 35.36 7.41 -27.38
CA LEU A 298 35.93 7.67 -28.70
C LEU A 298 36.37 9.12 -28.84
N LEU A 299 35.58 10.06 -28.30
CA LEU A 299 35.99 11.46 -28.31
C LEU A 299 37.28 11.66 -27.54
N LEU A 300 37.41 11.00 -26.38
CA LEU A 300 38.64 11.10 -25.61
C LEU A 300 39.81 10.48 -26.36
N ILE A 301 39.56 9.41 -27.13
CA ILE A 301 40.60 8.83 -27.96
C ILE A 301 41.06 9.82 -29.01
N ALA A 302 40.11 10.53 -29.63
CA ALA A 302 40.48 11.54 -30.62
C ALA A 302 41.30 12.65 -29.99
N ILE A 303 40.92 13.10 -28.79
CA ILE A 303 41.69 14.13 -28.10
C ILE A 303 43.10 13.63 -27.78
N PHE A 304 43.21 12.40 -27.31
CA PHE A 304 44.53 11.84 -26.99
C PHE A 304 45.40 11.75 -28.23
N TRP A 305 44.83 11.31 -29.35
CA TRP A 305 45.61 11.20 -30.57
C TRP A 305 45.90 12.54 -31.22
N CYS A 306 45.14 13.58 -30.90
CA CYS A 306 45.48 14.93 -31.30
C CYS A 306 46.55 15.56 -30.43
N TYR A 307 46.64 15.15 -29.17
CA TYR A 307 47.72 15.60 -28.29
C TYR A 307 49.01 14.83 -28.47
N GLU A 308 48.93 13.57 -28.91
CA GLU A 308 50.13 12.75 -29.03
C GLU A 308 50.98 13.18 -30.23
N LYS A 309 50.34 13.45 -31.36
CA LYS A 309 51.08 13.77 -32.58
C LYS A 309 51.60 15.20 -32.59
N PHE A 310 51.23 16.00 -31.59
CA PHE A 310 51.67 17.39 -31.52
C PHE A 310 52.70 17.58 -30.40
N GLU B 1 -15.10 -0.38 -17.37
CA GLU B 1 -13.99 0.00 -16.50
C GLU B 1 -13.53 -1.20 -15.66
N VAL B 2 -12.70 -0.91 -14.66
CA VAL B 2 -12.17 -1.94 -13.77
C VAL B 2 -13.07 -2.05 -12.54
N GLN B 3 -13.23 -3.28 -12.05
CA GLN B 3 -13.95 -3.55 -10.81
C GLN B 3 -13.31 -4.74 -10.13
N LEU B 4 -13.13 -4.63 -8.82
CA LEU B 4 -12.51 -5.67 -8.00
C LEU B 4 -13.60 -6.46 -7.30
N GLN B 5 -13.63 -7.77 -7.53
CA GLN B 5 -14.64 -8.65 -6.96
C GLN B 5 -14.07 -9.38 -5.75
N GLN B 6 -14.73 -9.22 -4.61
CA GLN B 6 -14.34 -9.92 -3.40
C GLN B 6 -14.93 -11.33 -3.38
N SER B 7 -14.59 -12.07 -2.31
CA SER B 7 -15.07 -13.45 -2.22
C SER B 7 -16.50 -13.51 -1.71
N GLY B 8 -16.74 -13.04 -0.49
CA GLY B 8 -18.04 -13.13 0.12
C GLY B 8 -17.94 -13.32 1.63
N PRO B 9 -19.07 -13.21 2.31
CA PRO B 9 -19.05 -13.30 3.78
C PRO B 9 -18.53 -14.66 4.25
N GLU B 10 -17.79 -14.64 5.35
CA GLU B 10 -17.20 -15.84 5.91
C GLU B 10 -17.53 -15.92 7.40
N LEU B 11 -17.96 -17.09 7.85
CA LEU B 11 -18.26 -17.36 9.25
C LEU B 11 -17.45 -18.58 9.67
N VAL B 12 -16.48 -18.37 10.56
CA VAL B 12 -15.56 -19.42 10.94
C VAL B 12 -15.52 -19.54 12.46
N LYS B 13 -15.10 -20.71 12.91
CA LYS B 13 -14.86 -20.99 14.32
C LYS B 13 -13.60 -20.28 14.78
N PRO B 14 -13.42 -20.10 16.10
CA PRO B 14 -12.18 -19.49 16.59
C PRO B 14 -10.93 -20.32 16.33
N GLY B 15 -11.06 -21.46 15.63
CA GLY B 15 -9.93 -22.28 15.24
C GLY B 15 -9.18 -21.77 14.04
N ALA B 16 -9.62 -20.67 13.46
CA ALA B 16 -8.88 -19.91 12.42
C ALA B 16 -8.89 -20.71 11.11
N SER B 17 -7.83 -20.54 10.32
CA SER B 17 -7.70 -21.15 8.99
C SER B 17 -8.83 -20.70 8.06
N VAL B 18 -8.84 -19.41 7.76
CA VAL B 18 -9.77 -18.81 6.80
C VAL B 18 -8.96 -18.10 5.73
N LYS B 19 -9.50 -18.06 4.51
CA LYS B 19 -8.82 -17.47 3.37
C LYS B 19 -9.78 -16.59 2.59
N MET B 20 -9.28 -15.44 2.14
CA MET B 20 -10.07 -14.47 1.38
C MET B 20 -9.40 -14.22 0.04
N SER B 21 -10.21 -14.05 -1.01
CA SER B 21 -9.73 -13.82 -2.36
C SER B 21 -10.28 -12.51 -2.89
N CYS B 22 -9.52 -11.87 -3.78
CA CYS B 22 -9.92 -10.60 -4.39
C CYS B 22 -9.59 -10.64 -5.88
N LYS B 23 -10.60 -10.88 -6.70
CA LYS B 23 -10.43 -11.02 -8.14
C LYS B 23 -10.60 -9.68 -8.82
N ALA B 24 -9.63 -9.33 -9.67
CA ALA B 24 -9.64 -8.04 -10.36
C ALA B 24 -9.44 -8.30 -11.85
N SER B 25 -10.45 -7.96 -12.66
CA SER B 25 -10.36 -8.09 -14.11
C SER B 25 -10.81 -6.77 -14.74
N GLY B 26 -9.90 -5.82 -14.83
CA GLY B 26 -10.14 -4.61 -15.59
C GLY B 26 -8.91 -4.04 -16.25
N TYR B 27 -7.78 -4.70 -16.09
CA TYR B 27 -6.48 -4.10 -16.42
C TYR B 27 -5.44 -5.21 -16.50
N THR B 28 -4.18 -4.82 -16.73
CA THR B 28 -3.06 -5.74 -16.75
C THR B 28 -2.66 -6.03 -15.30
N PHE B 29 -2.90 -7.27 -14.85
CA PHE B 29 -2.89 -7.58 -13.43
C PHE B 29 -1.53 -7.39 -12.78
N THR B 30 -0.44 -7.46 -13.54
CA THR B 30 0.89 -7.38 -12.96
C THR B 30 1.43 -5.95 -12.89
N SER B 31 0.69 -4.95 -13.37
CA SER B 31 1.17 -3.58 -13.35
C SER B 31 0.90 -2.86 -12.04
N TYR B 32 -0.11 -3.28 -11.28
CA TYR B 32 -0.47 -2.63 -10.03
C TYR B 32 -0.36 -3.63 -8.89
N ILE B 33 -0.21 -3.12 -7.68
CA ILE B 33 -0.16 -3.94 -6.48
C ILE B 33 -1.54 -3.93 -5.83
N ILE B 34 -1.79 -4.95 -5.00
CA ILE B 34 -3.08 -5.13 -4.34
C ILE B 34 -2.85 -5.03 -2.84
N HIS B 35 -3.54 -4.10 -2.20
CA HIS B 35 -3.46 -3.91 -0.75
C HIS B 35 -4.58 -4.67 -0.06
N TRP B 36 -4.55 -4.66 1.27
CA TRP B 36 -5.60 -5.23 2.09
C TRP B 36 -5.81 -4.34 3.31
N VAL B 37 -7.05 -3.92 3.53
CA VAL B 37 -7.39 -2.97 4.60
C VAL B 37 -8.46 -3.60 5.48
N LYS B 38 -8.26 -3.51 6.79
CA LYS B 38 -9.20 -4.04 7.77
C LYS B 38 -9.93 -2.91 8.47
N GLN B 39 -11.25 -3.01 8.53
CA GLN B 39 -12.08 -2.00 9.19
C GLN B 39 -12.98 -2.68 10.22
N LYS B 40 -12.69 -2.45 11.49
CA LYS B 40 -13.61 -2.87 12.54
C LYS B 40 -14.83 -1.97 12.53
N PRO B 41 -15.97 -2.45 13.02
CA PRO B 41 -17.20 -1.64 12.97
C PRO B 41 -17.08 -0.35 13.77
N GLY B 42 -17.06 0.78 13.07
CA GLY B 42 -16.97 2.07 13.72
C GLY B 42 -15.64 2.37 14.37
N GLN B 43 -14.54 1.82 13.87
CA GLN B 43 -13.22 2.09 14.43
C GLN B 43 -12.23 2.57 13.37
N GLY B 44 -12.67 2.85 12.15
CA GLY B 44 -11.79 3.38 11.14
C GLY B 44 -10.95 2.34 10.45
N LEU B 45 -10.40 2.74 9.30
CA LEU B 45 -9.61 1.84 8.48
C LEU B 45 -8.25 1.56 9.12
N GLU B 46 -7.67 0.41 8.76
CA GLU B 46 -6.37 0.00 9.29
C GLU B 46 -5.66 -0.82 8.22
N TRP B 47 -4.44 -0.40 7.88
CA TRP B 47 -3.66 -1.08 6.86
C TRP B 47 -3.12 -2.40 7.36
N ILE B 48 -3.10 -3.40 6.48
CA ILE B 48 -2.55 -4.71 6.76
C ILE B 48 -1.27 -4.96 5.98
N GLY B 49 -1.33 -4.79 4.66
CA GLY B 49 -0.19 -5.02 3.81
C GLY B 49 -0.61 -5.10 2.37
N TYR B 50 0.38 -5.30 1.51
CA TYR B 50 0.14 -5.42 0.08
C TYR B 50 1.00 -6.54 -0.50
N ILE B 51 0.67 -6.92 -1.72
CA ILE B 51 1.45 -7.91 -2.47
C ILE B 51 1.71 -7.37 -3.88
N ASN B 52 2.94 -7.50 -4.35
CA ASN B 52 3.27 -7.16 -5.72
C ASN B 52 3.11 -8.39 -6.58
N PRO B 53 2.06 -8.48 -7.40
CA PRO B 53 1.80 -9.73 -8.13
C PRO B 53 2.84 -10.07 -9.18
N TYR B 54 3.75 -9.14 -9.50
CA TYR B 54 4.79 -9.45 -10.48
C TYR B 54 5.87 -10.34 -9.87
N ASN B 55 6.53 -9.88 -8.81
CA ASN B 55 7.57 -10.64 -8.16
C ASN B 55 7.13 -11.28 -6.85
N ASP B 56 5.84 -11.26 -6.55
CA ASP B 56 5.27 -11.95 -5.39
C ASP B 56 5.91 -11.45 -4.09
N GLY B 57 6.33 -10.19 -4.07
CA GLY B 57 6.92 -9.60 -2.88
C GLY B 57 5.88 -8.87 -2.05
N THR B 58 5.92 -9.12 -0.75
CA THR B 58 4.91 -8.61 0.18
C THR B 58 5.55 -7.73 1.22
N LYS B 59 4.77 -6.78 1.73
CA LYS B 59 5.12 -5.96 2.88
C LYS B 59 3.94 -5.96 3.84
N TYR B 60 4.22 -6.16 5.13
CA TYR B 60 3.18 -6.27 6.13
C TYR B 60 3.34 -5.19 7.18
N ASN B 61 2.23 -4.91 7.87
CA ASN B 61 2.26 -4.07 9.05
C ASN B 61 2.98 -4.79 10.19
N GLU B 62 3.48 -4.02 11.15
CA GLU B 62 4.18 -4.62 12.29
C GLU B 62 3.23 -5.49 13.11
N LYS B 63 2.02 -5.01 13.35
CA LYS B 63 1.05 -5.77 14.14
C LYS B 63 0.61 -7.03 13.41
N PHE B 64 0.34 -6.92 12.10
CA PHE B 64 -0.18 -8.02 11.31
C PHE B 64 0.91 -8.90 10.71
N LYS B 65 2.16 -8.75 11.16
CA LYS B 65 3.24 -9.55 10.60
C LYS B 65 3.04 -11.03 10.87
N GLY B 66 2.63 -11.39 12.08
CA GLY B 66 2.49 -12.79 12.43
C GLY B 66 1.35 -13.48 11.70
N LYS B 67 0.22 -12.80 11.56
CA LYS B 67 -1.00 -13.44 11.07
C LYS B 67 -1.14 -13.42 9.56
N GLY B 68 -1.08 -12.25 8.94
CA GLY B 68 -1.37 -12.16 7.52
C GLY B 68 -0.36 -12.91 6.68
N THR B 69 -0.82 -13.45 5.56
CA THR B 69 0.04 -14.14 4.60
C THR B 69 -0.58 -13.99 3.23
N LEU B 70 -0.01 -13.10 2.41
CA LEU B 70 -0.61 -12.69 1.15
C LEU B 70 0.03 -13.47 0.00
N THR B 71 -0.81 -14.08 -0.83
CA THR B 71 -0.35 -14.79 -2.02
C THR B 71 -1.12 -14.26 -3.22
N SER B 72 -0.52 -14.40 -4.40
CA SER B 72 -1.10 -13.93 -5.64
C SER B 72 -1.03 -15.02 -6.70
N ASP B 73 -2.00 -15.02 -7.60
CA ASP B 73 -2.09 -16.01 -8.67
C ASP B 73 -2.23 -15.28 -9.99
N LYS B 74 -1.15 -15.27 -10.78
CA LYS B 74 -1.16 -14.55 -12.05
C LYS B 74 -2.15 -15.17 -13.04
N SER B 75 -2.22 -16.50 -13.09
CA SER B 75 -3.08 -17.16 -14.07
C SER B 75 -4.55 -16.84 -13.82
N SER B 76 -5.01 -16.98 -12.58
CA SER B 76 -6.40 -16.69 -12.25
C SER B 76 -6.65 -15.23 -11.97
N SER B 77 -5.60 -14.41 -11.90
CA SER B 77 -5.72 -12.95 -11.74
C SER B 77 -6.45 -12.60 -10.45
N THR B 78 -6.06 -13.27 -9.36
CA THR B 78 -6.63 -13.03 -8.04
C THR B 78 -5.52 -12.93 -7.01
N ALA B 79 -5.82 -12.23 -5.91
CA ALA B 79 -4.91 -12.08 -4.79
C ALA B 79 -5.59 -12.62 -3.53
N TYR B 80 -4.86 -13.39 -2.74
CA TYR B 80 -5.41 -14.10 -1.60
C TYR B 80 -4.93 -13.47 -0.30
N MET B 81 -5.51 -13.93 0.81
CA MET B 81 -5.08 -13.53 2.15
C MET B 81 -5.48 -14.62 3.13
N GLU B 82 -4.53 -15.06 3.95
CA GLU B 82 -4.78 -16.05 4.97
C GLU B 82 -4.40 -15.50 6.34
N LEU B 83 -5.23 -15.78 7.33
CA LEU B 83 -5.01 -15.30 8.69
C LEU B 83 -4.47 -16.40 9.61
N SER B 84 -5.12 -17.57 9.62
CA SER B 84 -4.60 -18.77 10.28
C SER B 84 -4.46 -18.61 11.80
N SER B 85 -4.90 -17.48 12.35
CA SER B 85 -4.87 -17.28 13.80
C SER B 85 -5.94 -16.26 14.13
N LEU B 86 -7.09 -16.73 14.62
CA LEU B 86 -8.24 -15.88 14.84
C LEU B 86 -8.73 -15.95 16.27
N THR B 87 -9.17 -14.81 16.78
CA THR B 87 -9.80 -14.69 18.08
C THR B 87 -11.12 -13.95 17.91
N SER B 88 -11.87 -13.83 19.00
CA SER B 88 -13.17 -13.16 18.95
C SER B 88 -13.03 -11.70 18.59
N GLU B 89 -11.85 -11.11 18.82
CA GLU B 89 -11.63 -9.69 18.56
C GLU B 89 -11.31 -9.41 17.10
N ASP B 90 -11.09 -10.44 16.28
CA ASP B 90 -10.61 -10.26 14.93
C ASP B 90 -11.70 -9.87 13.93
N SER B 91 -12.98 -10.15 14.23
CA SER B 91 -14.04 -9.96 13.25
C SER B 91 -14.14 -8.50 12.84
N ALA B 92 -14.06 -8.26 11.53
CA ALA B 92 -14.09 -6.91 10.97
C ALA B 92 -14.49 -7.01 9.50
N VAL B 93 -14.30 -5.91 8.77
CA VAL B 93 -14.55 -5.85 7.33
C VAL B 93 -13.23 -5.67 6.62
N TYR B 94 -12.97 -6.51 5.62
CA TYR B 94 -11.69 -6.52 4.92
C TYR B 94 -11.89 -6.11 3.46
N TYR B 95 -11.12 -5.12 3.03
CA TYR B 95 -11.16 -4.61 1.67
C TYR B 95 -9.84 -4.88 0.96
N CYS B 96 -9.90 -5.03 -0.36
CA CYS B 96 -8.71 -5.07 -1.19
C CYS B 96 -8.68 -3.83 -2.07
N ALA B 97 -7.54 -3.16 -2.09
CA ALA B 97 -7.39 -1.90 -2.81
C ALA B 97 -6.23 -2.00 -3.79
N ARG B 98 -6.39 -1.36 -4.94
CA ARG B 98 -5.39 -1.37 -5.99
C ARG B 98 -4.69 -0.03 -6.05
N SER B 99 -3.37 -0.05 -6.06
CA SER B 99 -2.57 1.16 -6.16
C SER B 99 -1.44 0.97 -7.16
N TYR B 100 -1.06 2.04 -7.82
CA TYR B 100 0.11 2.02 -8.68
C TYR B 100 1.37 2.12 -7.83
N TYR B 101 2.40 1.38 -8.23
CA TYR B 101 3.58 1.21 -7.38
C TYR B 101 4.82 1.29 -8.26
N ASP B 102 5.49 2.43 -8.23
CA ASP B 102 6.78 2.57 -8.91
C ASP B 102 7.94 2.31 -7.96
N GLY B 103 8.05 3.08 -6.88
CA GLY B 103 8.94 2.72 -5.80
C GLY B 103 8.22 2.77 -4.47
N ILE B 104 7.11 3.50 -4.44
CA ILE B 104 6.28 3.70 -3.26
C ILE B 104 4.83 3.62 -3.70
N PRO B 105 3.98 2.85 -3.01
CA PRO B 105 2.55 2.82 -3.39
C PRO B 105 1.94 4.21 -3.35
N HIS B 106 1.22 4.55 -4.41
CA HIS B 106 0.77 5.93 -4.58
C HIS B 106 -0.52 6.21 -3.81
N TYR B 107 -1.61 5.55 -4.19
CA TYR B 107 -2.91 5.82 -3.58
C TYR B 107 -3.89 4.76 -4.04
N PHE B 108 -4.92 4.54 -3.22
CA PHE B 108 -5.89 3.47 -3.45
C PHE B 108 -7.01 4.02 -4.33
N ASP B 109 -6.83 3.90 -5.65
CA ASP B 109 -7.81 4.49 -6.56
C ASP B 109 -9.07 3.64 -6.67
N TYR B 110 -8.96 2.32 -6.49
CA TYR B 110 -10.10 1.42 -6.65
C TYR B 110 -10.15 0.44 -5.50
N TRP B 111 -11.37 0.18 -5.01
CA TRP B 111 -11.57 -0.68 -3.85
C TRP B 111 -12.56 -1.79 -4.19
N GLY B 112 -12.52 -2.85 -3.40
CA GLY B 112 -13.50 -3.90 -3.49
C GLY B 112 -14.68 -3.66 -2.55
N GLN B 113 -15.74 -4.42 -2.75
CA GLN B 113 -16.94 -4.23 -1.94
C GLN B 113 -16.75 -4.68 -0.50
N GLY B 114 -15.82 -5.57 -0.23
CA GLY B 114 -15.53 -5.93 1.15
C GLY B 114 -15.98 -7.33 1.49
N THR B 115 -15.27 -7.96 2.43
CA THR B 115 -15.60 -9.28 2.94
C THR B 115 -15.84 -9.17 4.43
N THR B 116 -17.10 -9.36 4.85
CA THR B 116 -17.47 -9.28 6.25
C THR B 116 -17.16 -10.62 6.91
N LEU B 117 -16.16 -10.64 7.77
CA LEU B 117 -15.70 -11.87 8.41
C LEU B 117 -16.14 -11.86 9.87
N THR B 118 -16.71 -12.97 10.32
CA THR B 118 -17.19 -13.11 11.69
C THR B 118 -16.51 -14.31 12.35
N VAL B 119 -16.03 -14.10 13.56
CA VAL B 119 -15.40 -15.15 14.36
C VAL B 119 -16.21 -15.33 15.63
N SER B 120 -16.70 -16.55 15.85
CA SER B 120 -17.57 -16.84 16.98
C SER B 120 -17.67 -18.36 17.14
N SER B 121 -18.40 -18.78 18.16
CA SER B 121 -18.60 -20.19 18.45
C SER B 121 -19.70 -20.82 17.60
N ALA B 122 -20.33 -20.05 16.72
CA ALA B 122 -21.36 -20.52 15.79
C ALA B 122 -22.54 -21.04 16.60
N LYS B 123 -23.07 -22.24 16.30
CA LYS B 123 -24.27 -22.77 16.96
C LYS B 123 -25.44 -21.79 16.82
N THR B 124 -25.87 -21.60 15.57
CA THR B 124 -26.97 -20.70 15.28
C THR B 124 -28.23 -21.11 16.03
N THR B 125 -28.93 -20.14 16.58
CA THR B 125 -30.11 -20.36 17.41
C THR B 125 -31.26 -19.49 16.92
N PRO B 126 -32.50 -19.94 17.08
CA PRO B 126 -33.65 -19.11 16.74
C PRO B 126 -33.88 -18.06 17.81
N PRO B 127 -34.45 -16.91 17.44
CA PRO B 127 -34.68 -15.86 18.43
C PRO B 127 -35.98 -16.07 19.20
N SER B 128 -36.04 -15.42 20.36
CA SER B 128 -37.24 -15.39 21.18
C SER B 128 -37.74 -13.95 21.26
N VAL B 129 -39.00 -13.74 20.92
CA VAL B 129 -39.58 -12.41 20.81
C VAL B 129 -40.41 -12.13 22.05
N TYR B 130 -40.03 -11.09 22.79
CA TYR B 130 -40.74 -10.67 23.99
C TYR B 130 -41.44 -9.35 23.71
N PRO B 131 -42.77 -9.28 23.78
CA PRO B 131 -43.47 -8.02 23.51
C PRO B 131 -43.25 -7.02 24.64
N LEU B 132 -43.42 -5.74 24.29
CA LEU B 132 -43.28 -4.63 25.21
C LEU B 132 -44.60 -3.90 25.35
N ALA B 133 -45.01 -3.63 26.59
CA ALA B 133 -46.27 -2.96 26.83
C ALA B 133 -46.27 -2.21 28.15
N PRO B 134 -46.61 -0.92 28.16
CA PRO B 134 -46.70 -0.19 29.43
C PRO B 134 -48.05 -0.36 30.09
N GLY B 135 -48.27 0.35 31.20
CA GLY B 135 -49.56 0.30 31.87
C GLY B 135 -49.48 -0.03 33.34
N CYS B 136 -48.29 0.12 33.93
CA CYS B 136 -48.10 -0.13 35.35
C CYS B 136 -48.37 1.14 36.16
N GLY B 137 -49.63 1.59 36.08
CA GLY B 137 -50.06 2.80 36.76
C GLY B 137 -49.72 4.09 36.04
N ASP B 138 -49.10 4.01 34.86
CA ASP B 138 -48.72 5.21 34.13
C ASP B 138 -49.94 5.91 33.55
N THR B 139 -49.87 7.23 33.48
CA THR B 139 -50.94 8.03 32.90
C THR B 139 -50.91 8.04 31.38
N THR B 140 -49.88 7.46 30.76
CA THR B 140 -49.72 7.38 29.31
C THR B 140 -49.72 8.81 28.77
N GLY B 141 -50.46 9.10 27.70
CA GLY B 141 -50.46 10.44 27.14
C GLY B 141 -51.14 10.45 25.79
N SER B 142 -50.81 11.47 24.99
CA SER B 142 -51.39 11.58 23.65
C SER B 142 -50.98 10.42 22.77
N SER B 143 -49.71 10.03 22.83
CA SER B 143 -49.19 8.92 22.03
C SER B 143 -48.39 7.99 22.91
N VAL B 144 -48.38 6.71 22.54
CA VAL B 144 -47.67 5.67 23.28
C VAL B 144 -46.70 4.96 22.34
N THR B 145 -45.50 4.68 22.84
CA THR B 145 -44.49 3.96 22.09
C THR B 145 -44.44 2.50 22.52
N LEU B 146 -44.28 1.62 21.54
CA LEU B 146 -44.24 0.19 21.80
C LEU B 146 -43.00 -0.39 21.13
N GLY B 147 -42.75 -1.67 21.39
CA GLY B 147 -41.59 -2.32 20.81
C GLY B 147 -41.68 -3.83 20.94
N CYS B 148 -40.69 -4.49 20.33
CA CYS B 148 -40.59 -5.95 20.36
C CYS B 148 -39.12 -6.32 20.55
N LEU B 149 -38.76 -6.71 21.77
CA LEU B 149 -37.40 -7.10 22.06
C LEU B 149 -37.20 -8.59 21.76
N VAL B 150 -36.01 -8.91 21.24
CA VAL B 150 -35.66 -10.29 20.88
C VAL B 150 -34.42 -10.69 21.67
N LYS B 151 -34.25 -12.00 21.87
CA LYS B 151 -33.14 -12.53 22.65
C LYS B 151 -32.50 -13.71 21.93
N GLY B 152 -31.19 -13.82 22.08
CA GLY B 152 -30.46 -15.04 21.77
C GLY B 152 -30.53 -15.55 20.34
N TYR B 153 -30.31 -14.70 19.35
CA TYR B 153 -30.18 -15.13 17.96
C TYR B 153 -28.74 -14.85 17.52
N PHE B 154 -28.10 -15.84 16.91
CA PHE B 154 -26.73 -15.64 16.46
C PHE B 154 -26.60 -14.88 15.14
N PRO B 155 -27.22 -15.31 14.05
CA PRO B 155 -26.91 -14.71 12.75
C PRO B 155 -27.48 -13.30 12.61
N GLU B 156 -26.78 -12.50 11.82
CA GLU B 156 -27.05 -11.07 11.72
C GLU B 156 -28.39 -10.76 11.06
N SER B 157 -28.81 -11.54 10.06
CA SER B 157 -29.95 -11.18 9.24
C SER B 157 -31.26 -11.31 9.99
N VAL B 158 -31.77 -10.19 10.51
CA VAL B 158 -33.06 -10.17 11.19
C VAL B 158 -33.66 -8.78 11.01
N THR B 159 -34.96 -8.72 10.76
CA THR B 159 -35.67 -7.46 10.61
C THR B 159 -36.99 -7.53 11.37
N VAL B 160 -37.43 -6.36 11.84
CA VAL B 160 -38.69 -6.22 12.54
C VAL B 160 -39.55 -5.21 11.78
N THR B 161 -40.79 -5.60 11.48
CA THR B 161 -41.71 -4.76 10.73
C THR B 161 -43.03 -4.66 11.49
N TRP B 162 -43.74 -3.55 11.27
CA TRP B 162 -45.04 -3.29 11.89
C TRP B 162 -46.05 -3.13 10.77
N ASN B 163 -46.61 -4.25 10.30
CA ASN B 163 -47.60 -4.19 9.23
C ASN B 163 -48.94 -3.69 9.75
N SER B 164 -49.30 -4.06 10.96
CA SER B 164 -50.51 -3.59 11.60
C SER B 164 -50.31 -2.29 12.37
N GLY B 165 -49.10 -1.76 12.39
CA GLY B 165 -48.78 -0.55 13.09
C GLY B 165 -48.67 0.66 12.20
N SER B 166 -47.67 1.50 12.46
CA SER B 166 -47.43 2.71 11.70
C SER B 166 -46.55 2.47 10.49
N LEU B 167 -46.16 1.24 10.22
CA LEU B 167 -45.34 0.86 9.04
C LEU B 167 -44.00 1.59 9.15
N SER B 168 -43.44 2.07 8.05
CA SER B 168 -42.13 2.71 8.07
C SER B 168 -42.16 4.10 8.70
N SER B 169 -43.34 4.66 8.96
CA SER B 169 -43.46 6.00 9.52
C SER B 169 -43.33 5.95 11.03
N SER B 170 -42.41 6.76 11.56
CA SER B 170 -42.20 6.90 13.01
C SER B 170 -41.88 5.55 13.66
N VAL B 171 -40.93 4.83 13.07
CA VAL B 171 -40.46 3.56 13.61
C VAL B 171 -38.93 3.61 13.67
N HIS B 172 -38.37 3.13 14.78
CA HIS B 172 -36.93 3.15 15.00
C HIS B 172 -36.44 1.74 15.30
N THR B 173 -35.36 1.35 14.62
CA THR B 173 -34.77 0.02 14.75
C THR B 173 -33.35 0.17 15.26
N PHE B 174 -33.13 -0.15 16.54
CA PHE B 174 -31.81 -0.05 17.12
C PHE B 174 -30.94 -1.20 16.64
N PRO B 175 -29.72 -0.94 16.18
CA PRO B 175 -28.85 -2.03 15.71
C PRO B 175 -28.44 -2.95 16.86
N ALA B 176 -28.18 -4.21 16.51
CA ALA B 176 -27.80 -5.23 17.47
C ALA B 176 -26.31 -5.15 17.78
N LEU B 177 -25.97 -5.37 19.05
CA LEU B 177 -24.59 -5.37 19.50
C LEU B 177 -24.31 -6.64 20.30
N LEU B 178 -23.14 -7.22 20.07
CA LEU B 178 -22.86 -8.56 20.55
C LEU B 178 -22.63 -8.58 22.07
N GLN B 179 -23.18 -9.60 22.73
CA GLN B 179 -22.96 -9.81 24.14
C GLN B 179 -23.23 -11.27 24.47
N SER B 180 -22.34 -11.89 25.26
CA SER B 180 -22.47 -13.26 25.74
C SER B 180 -22.53 -14.28 24.62
N GLY B 181 -22.06 -13.92 23.42
CA GLY B 181 -22.03 -14.82 22.29
C GLY B 181 -23.31 -14.87 21.47
N LEU B 182 -24.43 -14.46 22.04
CA LEU B 182 -25.70 -14.40 21.33
C LEU B 182 -26.29 -13.02 21.59
N TYR B 183 -26.41 -12.21 20.54
CA TYR B 183 -26.78 -10.81 20.72
C TYR B 183 -28.25 -10.57 20.39
N THR B 184 -28.69 -9.35 20.72
CA THR B 184 -30.09 -8.96 20.70
C THR B 184 -30.24 -7.62 19.99
N MET B 185 -31.45 -7.39 19.48
CA MET B 185 -31.79 -6.13 18.83
C MET B 185 -33.17 -5.68 19.30
N SER B 186 -33.45 -4.40 19.12
CA SER B 186 -34.72 -3.82 19.52
C SER B 186 -35.28 -2.95 18.41
N SER B 187 -36.60 -2.89 18.36
CA SER B 187 -37.33 -2.02 17.44
C SER B 187 -38.41 -1.29 18.21
N SER B 188 -38.70 -0.06 17.80
CA SER B 188 -39.66 0.77 18.53
C SER B 188 -40.51 1.55 17.55
N VAL B 189 -41.81 1.64 17.84
CA VAL B 189 -42.75 2.39 17.02
C VAL B 189 -43.73 3.10 17.96
N THR B 190 -44.27 4.22 17.50
CA THR B 190 -45.22 5.00 18.29
C THR B 190 -46.57 5.04 17.62
N VAL B 191 -47.63 5.01 18.44
CA VAL B 191 -49.00 5.04 17.96
C VAL B 191 -49.81 5.98 18.85
N PRO B 192 -50.73 6.77 18.31
CA PRO B 192 -51.58 7.59 19.17
C PRO B 192 -52.40 6.74 20.13
N SER B 193 -52.57 7.25 21.36
CA SER B 193 -53.29 6.50 22.38
C SER B 193 -54.75 6.28 22.01
N SER B 194 -55.33 7.18 21.21
CA SER B 194 -56.73 7.03 20.81
C SER B 194 -56.91 5.83 19.89
N THR B 195 -55.96 5.61 18.98
CA THR B 195 -56.09 4.58 17.96
C THR B 195 -55.44 3.25 18.34
N TRP B 196 -54.80 3.17 19.52
CA TRP B 196 -54.15 1.92 19.89
C TRP B 196 -55.14 0.87 20.37
N PRO B 197 -56.01 1.13 21.36
CA PRO B 197 -57.01 0.11 21.71
C PRO B 197 -57.95 -0.22 20.57
N SER B 198 -58.31 0.76 19.73
CA SER B 198 -59.26 0.51 18.65
C SER B 198 -58.68 -0.43 17.61
N GLN B 199 -57.43 -0.24 17.22
CA GLN B 199 -56.77 -1.05 16.21
C GLN B 199 -55.52 -1.67 16.82
N THR B 200 -55.53 -2.99 16.98
CA THR B 200 -54.39 -3.68 17.56
C THR B 200 -53.22 -3.67 16.59
N VAL B 201 -52.01 -3.75 17.16
CA VAL B 201 -50.77 -3.75 16.39
C VAL B 201 -50.01 -5.04 16.70
N THR B 202 -49.54 -5.71 15.66
CA THR B 202 -48.73 -6.90 15.79
C THR B 202 -47.42 -6.71 15.03
N CYS B 203 -46.33 -7.14 15.65
CA CYS B 203 -45.00 -7.03 15.06
C CYS B 203 -44.54 -8.39 14.55
N SER B 204 -44.02 -8.41 13.34
CA SER B 204 -43.58 -9.64 12.68
C SER B 204 -42.07 -9.61 12.50
N VAL B 205 -41.42 -10.71 12.86
CA VAL B 205 -39.97 -10.83 12.78
C VAL B 205 -39.63 -11.91 11.75
N ALA B 206 -38.65 -11.63 10.90
CA ALA B 206 -38.20 -12.55 9.87
C ALA B 206 -36.73 -12.89 10.12
N HIS B 207 -36.41 -14.18 10.11
CA HIS B 207 -35.06 -14.67 10.36
C HIS B 207 -34.67 -15.58 9.20
N PRO B 208 -34.19 -15.01 8.10
CA PRO B 208 -33.89 -15.83 6.91
C PRO B 208 -32.87 -16.92 7.15
N ALA B 209 -31.92 -16.72 8.07
CA ALA B 209 -30.94 -17.76 8.37
C ALA B 209 -31.56 -18.94 9.09
N SER B 210 -32.81 -18.82 9.52
CA SER B 210 -33.55 -19.93 10.10
C SER B 210 -34.91 -20.04 9.44
N SER B 211 -35.80 -20.88 9.98
CA SER B 211 -37.15 -21.05 9.47
C SER B 211 -38.17 -20.53 10.46
N THR B 212 -37.83 -19.45 11.17
CA THR B 212 -38.68 -18.90 12.23
C THR B 212 -39.20 -17.54 11.81
N THR B 213 -40.51 -17.37 11.85
CA THR B 213 -41.17 -16.09 11.58
C THR B 213 -42.28 -15.86 12.59
N VAL B 214 -41.99 -16.14 13.87
CA VAL B 214 -43.00 -16.11 14.91
C VAL B 214 -43.59 -14.71 15.04
N ASP B 215 -44.91 -14.64 15.22
CA ASP B 215 -45.63 -13.39 15.39
C ASP B 215 -46.47 -13.46 16.65
N LYS B 216 -46.54 -12.34 17.36
CA LYS B 216 -47.36 -12.25 18.55
C LYS B 216 -47.81 -10.81 18.74
N LYS B 217 -48.93 -10.65 19.46
CA LYS B 217 -49.56 -9.37 19.67
C LYS B 217 -49.41 -8.96 21.13
N LEU B 218 -48.87 -7.77 21.36
CA LEU B 218 -48.66 -7.27 22.71
C LEU B 218 -49.99 -6.88 23.35
N GLU B 219 -50.08 -7.12 24.67
CA GLU B 219 -51.30 -6.87 25.42
C GLU B 219 -51.01 -5.87 26.54
N PRO B 220 -51.85 -4.86 26.72
CA PRO B 220 -51.65 -3.92 27.84
C PRO B 220 -51.81 -4.61 29.18
N SER B 221 -51.07 -4.11 30.16
CA SER B 221 -51.13 -4.65 31.52
C SER B 221 -52.30 -4.06 32.29
N ASP C 1 7.91 5.94 13.08
CA ASP C 1 6.83 5.87 12.11
C ASP C 1 6.03 7.17 12.12
N ILE C 2 4.96 7.21 11.33
CA ILE C 2 4.09 8.38 11.22
C ILE C 2 2.72 8.01 11.77
N VAL C 3 2.23 8.81 12.70
CA VAL C 3 0.87 8.67 13.21
C VAL C 3 0.07 9.89 12.77
N MET C 4 -1.08 9.64 12.14
CA MET C 4 -1.87 10.68 11.52
C MET C 4 -3.02 11.04 12.44
N THR C 5 -3.15 12.32 12.76
CA THR C 5 -4.12 12.79 13.74
C THR C 5 -5.06 13.80 13.09
N GLN C 6 -6.34 13.45 13.02
CA GLN C 6 -7.38 14.33 12.49
C GLN C 6 -8.00 15.11 13.64
N SER C 7 -8.09 16.44 13.47
CA SER C 7 -8.47 17.29 14.59
C SER C 7 -9.95 17.19 14.94
N PRO C 8 -10.90 17.53 14.04
CA PRO C 8 -12.30 17.64 14.49
C PRO C 8 -12.92 16.32 14.92
N SER C 9 -12.94 15.34 14.03
CA SER C 9 -13.49 14.00 14.21
C SER C 9 -15.01 14.00 14.36
N SER C 10 -15.65 15.17 14.45
CA SER C 10 -17.10 15.26 14.49
C SER C 10 -17.54 16.71 14.32
N LEU C 11 -18.46 16.97 13.40
CA LEU C 11 -19.01 18.30 13.22
C LEU C 11 -20.29 18.19 12.41
N ALA C 12 -21.07 19.29 12.42
CA ALA C 12 -22.34 19.33 11.73
C ALA C 12 -22.35 20.50 10.74
N VAL C 13 -22.67 20.20 9.48
CA VAL C 13 -22.74 21.21 8.43
C VAL C 13 -24.08 21.06 7.72
N SER C 14 -24.79 22.19 7.58
CA SER C 14 -26.17 22.11 7.11
C SER C 14 -26.29 22.33 5.61
N ALA C 15 -25.98 23.53 5.14
CA ALA C 15 -26.30 23.78 3.73
C ALA C 15 -25.12 24.30 2.91
N GLY C 16 -24.32 25.20 3.46
CA GLY C 16 -23.23 25.77 2.70
C GLY C 16 -22.01 26.09 3.53
N GLU C 17 -21.99 25.59 4.76
CA GLU C 17 -20.90 25.91 5.68
C GLU C 17 -19.60 25.25 5.22
N LYS C 18 -18.49 25.94 5.46
CA LYS C 18 -17.18 25.34 5.28
C LYS C 18 -17.01 24.15 6.21
N VAL C 19 -15.98 23.35 5.97
CA VAL C 19 -15.66 22.20 6.81
C VAL C 19 -14.25 22.31 7.40
N THR C 20 -13.29 22.78 6.61
CA THR C 20 -11.89 22.98 6.99
C THR C 20 -11.37 21.84 7.88
N MET C 21 -11.45 20.62 7.33
CA MET C 21 -10.86 19.46 7.98
C MET C 21 -9.34 19.61 8.02
N SER C 22 -8.71 18.95 8.98
CA SER C 22 -7.26 19.05 9.11
C SER C 22 -6.70 17.83 9.80
N CYS C 23 -5.62 17.29 9.24
CA CYS C 23 -4.81 16.27 9.89
C CYS C 23 -3.35 16.60 9.70
N LYS C 24 -2.61 16.66 10.80
CA LYS C 24 -1.29 17.28 10.83
C LYS C 24 -0.13 16.32 10.66
N SER C 25 -0.38 15.01 10.59
CA SER C 25 0.68 14.00 10.40
C SER C 25 1.68 14.09 11.56
N SER C 26 2.84 13.46 11.40
CA SER C 26 3.87 13.46 12.43
C SER C 26 5.13 14.18 12.00
N GLN C 27 5.73 13.77 10.88
CA GLN C 27 6.88 14.47 10.33
C GLN C 27 6.64 14.85 8.88
N SER C 28 7.60 15.52 8.27
CA SER C 28 7.42 16.08 6.92
C SER C 28 7.27 14.95 5.93
N LEU C 29 6.03 14.73 5.48
CA LEU C 29 5.74 13.77 4.42
C LEU C 29 5.71 14.44 3.05
N PHE C 30 6.77 15.18 2.76
CA PHE C 30 6.92 15.91 1.51
C PHE C 30 8.21 15.46 0.84
N ASN C 31 8.09 14.80 -0.31
CA ASN C 31 9.25 14.30 -1.01
C ASN C 31 10.01 15.46 -1.65
N SER C 32 11.29 15.59 -1.30
CA SER C 32 12.09 16.69 -1.84
C SER C 32 12.47 16.45 -3.29
N ARG C 33 12.73 15.20 -3.65
CA ARG C 33 13.15 14.89 -5.01
C ARG C 33 12.04 15.17 -6.02
N THR C 34 10.84 14.64 -5.76
CA THR C 34 9.67 14.91 -6.58
C THR C 34 8.67 15.69 -5.73
N ARG C 35 8.31 16.90 -6.18
CA ARG C 35 7.44 17.78 -5.42
C ARG C 35 6.00 17.27 -5.50
N ARG C 36 5.75 16.19 -4.75
CA ARG C 36 4.48 15.50 -4.83
C ARG C 36 3.69 15.50 -3.53
N ASN C 37 4.34 15.42 -2.36
CA ASN C 37 3.68 15.53 -1.07
C ASN C 37 2.60 14.45 -0.90
N TYR C 38 3.07 13.21 -0.82
CA TYR C 38 2.22 12.03 -0.77
C TYR C 38 1.13 12.14 0.29
N LEU C 39 -0.13 12.13 -0.14
CA LEU C 39 -1.29 12.12 0.74
C LEU C 39 -2.54 11.88 -0.11
N ALA C 40 -3.59 11.38 0.52
CA ALA C 40 -4.83 11.08 -0.19
C ALA C 40 -6.00 11.12 0.77
N TRP C 41 -7.13 11.67 0.31
CA TRP C 41 -8.34 11.78 1.11
C TRP C 41 -9.40 10.85 0.51
N TYR C 42 -9.93 9.94 1.33
CA TYR C 42 -11.00 9.03 0.93
C TYR C 42 -12.28 9.35 1.67
N GLN C 43 -13.40 9.18 0.95
CA GLN C 43 -14.73 9.39 1.48
C GLN C 43 -15.46 8.05 1.51
N GLN C 44 -15.96 7.70 2.69
CA GLN C 44 -16.65 6.42 2.89
C GLN C 44 -18.06 6.69 3.40
N LYS C 45 -19.02 6.77 2.47
CA LYS C 45 -20.41 6.85 2.85
C LYS C 45 -20.82 5.55 3.56
N PRO C 46 -21.71 5.62 4.54
CA PRO C 46 -22.02 4.42 5.34
C PRO C 46 -22.55 3.28 4.49
N GLY C 47 -22.08 2.07 4.78
CA GLY C 47 -22.47 0.91 4.03
C GLY C 47 -21.86 0.78 2.65
N GLN C 48 -20.74 1.47 2.39
CA GLN C 48 -20.09 1.42 1.10
C GLN C 48 -18.59 1.40 1.30
N SER C 49 -17.87 1.02 0.23
CA SER C 49 -16.42 1.04 0.26
C SER C 49 -15.89 2.47 0.12
N PRO C 50 -14.73 2.76 0.68
CA PRO C 50 -14.17 4.11 0.55
C PRO C 50 -13.88 4.46 -0.90
N LYS C 51 -13.97 5.75 -1.20
CA LYS C 51 -13.76 6.29 -2.54
C LYS C 51 -12.70 7.37 -2.49
N LEU C 52 -11.79 7.37 -3.47
CA LEU C 52 -10.73 8.37 -3.51
C LEU C 52 -11.28 9.73 -3.91
N LEU C 53 -10.88 10.77 -3.18
CA LEU C 53 -11.29 12.14 -3.47
C LEU C 53 -10.12 12.98 -3.96
N ILE C 54 -9.04 13.04 -3.18
CA ILE C 54 -7.89 13.87 -3.47
C ILE C 54 -6.66 12.97 -3.47
N TYR C 55 -5.77 13.15 -4.45
CA TYR C 55 -4.47 12.50 -4.42
C TYR C 55 -3.38 13.54 -4.61
N TRP C 56 -2.23 13.27 -4.00
CA TRP C 56 -1.12 14.21 -3.85
C TRP C 56 -1.52 15.47 -3.08
N ALA C 57 -2.60 15.40 -2.29
CA ALA C 57 -3.05 16.43 -1.37
C ALA C 57 -3.56 17.68 -2.06
N SER C 58 -3.49 17.76 -3.39
CA SER C 58 -3.94 18.96 -4.08
C SER C 58 -4.81 18.65 -5.29
N THR C 59 -4.58 17.49 -5.92
CA THR C 59 -5.27 17.13 -7.15
C THR C 59 -6.46 16.25 -6.84
N ARG C 60 -7.60 16.58 -7.43
CA ARG C 60 -8.83 15.85 -7.19
C ARG C 60 -9.01 14.75 -8.23
N GLU C 61 -9.49 13.60 -7.77
CA GLU C 61 -9.72 12.47 -8.66
C GLU C 61 -10.86 12.77 -9.63
N SER C 62 -10.69 12.35 -10.88
CA SER C 62 -11.72 12.57 -11.89
C SER C 62 -13.01 11.85 -11.49
N GLY C 63 -14.09 12.62 -11.37
CA GLY C 63 -15.37 12.09 -10.97
C GLY C 63 -15.96 12.73 -9.73
N VAL C 64 -15.14 13.43 -8.93
CA VAL C 64 -15.64 14.11 -7.75
C VAL C 64 -16.20 15.46 -8.17
N PRO C 65 -17.16 16.01 -7.44
CA PRO C 65 -17.63 17.37 -7.74
C PRO C 65 -16.51 18.39 -7.56
N ASP C 66 -16.70 19.57 -8.15
CA ASP C 66 -15.75 20.65 -7.98
C ASP C 66 -15.74 21.22 -6.57
N ARG C 67 -16.72 20.83 -5.74
CA ARG C 67 -16.78 21.32 -4.37
C ARG C 67 -15.59 20.86 -3.53
N PHE C 68 -15.16 19.61 -3.68
CA PHE C 68 -14.08 19.06 -2.87
C PHE C 68 -12.74 19.57 -3.38
N THR C 69 -12.08 20.43 -2.62
CA THR C 69 -10.76 20.94 -2.95
C THR C 69 -9.80 20.66 -1.80
N GLY C 70 -8.62 20.17 -2.14
CA GLY C 70 -7.62 19.88 -1.14
C GLY C 70 -6.40 20.78 -1.25
N SER C 71 -5.99 21.38 -0.14
CA SER C 71 -4.88 22.32 -0.12
C SER C 71 -4.03 22.08 1.11
N GLY C 72 -2.71 22.11 0.94
CA GLY C 72 -1.81 21.96 2.07
C GLY C 72 -0.44 21.56 1.57
N SER C 73 0.53 21.66 2.49
CA SER C 73 1.90 21.27 2.19
C SER C 73 2.62 21.00 3.50
N GLY C 74 3.76 20.33 3.40
CA GLY C 74 4.53 19.98 4.58
C GLY C 74 3.82 18.97 5.45
N THR C 75 3.33 19.40 6.61
CA THR C 75 2.59 18.54 7.52
C THR C 75 1.15 18.99 7.75
N ASP C 76 0.80 20.23 7.40
CA ASP C 76 -0.53 20.76 7.63
C ASP C 76 -1.33 20.68 6.34
N PHE C 77 -2.46 19.97 6.38
CA PHE C 77 -3.32 19.79 5.23
C PHE C 77 -4.75 20.19 5.58
N THR C 78 -5.53 20.48 4.54
CA THR C 78 -6.91 20.93 4.73
C THR C 78 -7.75 20.45 3.56
N LEU C 79 -8.99 20.09 3.85
CA LEU C 79 -9.97 19.72 2.83
C LEU C 79 -11.23 20.54 3.07
N THR C 80 -11.72 21.19 2.02
CA THR C 80 -12.91 22.03 2.11
C THR C 80 -13.95 21.57 1.10
N ILE C 81 -15.22 21.61 1.53
CA ILE C 81 -16.33 21.20 0.68
C ILE C 81 -17.15 22.39 0.19
N SER C 82 -17.04 23.56 0.83
CA SER C 82 -17.81 24.74 0.48
C SER C 82 -19.30 24.50 0.66
N SER C 83 -20.02 24.27 -0.43
CA SER C 83 -21.47 24.08 -0.37
C SER C 83 -21.76 22.61 -0.09
N VAL C 84 -21.85 22.27 1.19
CA VAL C 84 -22.14 20.90 1.62
C VAL C 84 -23.54 20.53 1.16
N GLN C 85 -23.63 19.53 0.29
CA GLN C 85 -24.89 19.07 -0.24
C GLN C 85 -25.34 17.85 0.57
N ALA C 86 -26.53 17.34 0.26
CA ALA C 86 -27.16 16.32 1.09
C ALA C 86 -26.37 15.02 1.17
N GLU C 87 -25.78 14.57 0.08
CA GLU C 87 -25.14 13.26 0.04
C GLU C 87 -23.67 13.29 0.46
N ASP C 88 -23.20 14.41 1.00
CA ASP C 88 -21.81 14.52 1.45
C ASP C 88 -21.60 14.02 2.87
N LEU C 89 -22.49 13.17 3.38
CA LEU C 89 -22.36 12.62 4.72
C LEU C 89 -21.53 11.35 4.67
N ALA C 90 -20.29 11.41 5.17
CA ALA C 90 -19.41 10.26 5.13
C ALA C 90 -18.31 10.46 6.17
N VAL C 91 -17.27 9.64 6.09
CA VAL C 91 -16.11 9.71 6.97
C VAL C 91 -14.87 9.86 6.11
N TYR C 92 -14.03 10.83 6.44
CA TYR C 92 -12.85 11.17 5.65
C TYR C 92 -11.59 10.86 6.46
N TYR C 93 -10.58 10.29 5.80
CA TYR C 93 -9.50 9.61 6.50
C TYR C 93 -8.11 10.20 6.29
N CYS C 94 -7.84 10.79 5.14
CA CYS C 94 -6.54 11.42 4.83
C CYS C 94 -5.37 10.47 5.11
N LYS C 95 -5.34 9.38 4.36
CA LYS C 95 -4.25 8.43 4.47
C LYS C 95 -2.96 9.04 3.94
N GLN C 96 -1.83 8.59 4.49
CA GLN C 96 -0.50 8.97 4.01
C GLN C 96 0.25 7.73 3.56
N SER C 97 1.17 7.93 2.60
CA SER C 97 1.94 6.82 2.07
C SER C 97 3.40 7.20 1.84
N TYR C 98 3.90 8.20 2.57
CA TYR C 98 5.27 8.65 2.37
C TYR C 98 6.27 7.58 2.76
N TYR C 99 6.13 7.02 3.96
CA TYR C 99 7.01 5.97 4.43
C TYR C 99 6.30 4.63 4.55
N LEU C 100 5.20 4.57 5.30
CA LEU C 100 4.46 3.34 5.48
C LEU C 100 2.99 3.69 5.65
N LEU C 101 2.12 2.89 5.06
CA LEU C 101 0.71 3.22 4.89
C LEU C 101 0.04 3.30 6.27
N THR C 102 -0.55 4.45 6.57
CA THR C 102 -1.31 4.65 7.79
C THR C 102 -2.52 5.54 7.50
N PHE C 103 -3.66 5.18 8.08
CA PHE C 103 -4.89 5.92 7.91
C PHE C 103 -5.16 6.80 9.13
N GLY C 104 -5.98 7.83 8.92
CA GLY C 104 -6.35 8.73 10.00
C GLY C 104 -7.52 8.20 10.82
N ALA C 105 -7.82 8.93 11.89
CA ALA C 105 -8.92 8.53 12.77
C ALA C 105 -10.25 8.58 12.05
N GLY C 106 -10.49 9.62 11.28
CA GLY C 106 -11.75 9.75 10.56
C GLY C 106 -12.59 10.90 11.09
N THR C 107 -13.25 11.62 10.18
CA THR C 107 -14.11 12.74 10.52
C THR C 107 -15.52 12.46 10.05
N LYS C 108 -16.48 12.54 10.98
CA LYS C 108 -17.88 12.26 10.68
C LYS C 108 -18.65 13.56 10.53
N LEU C 109 -19.69 13.53 9.70
CA LEU C 109 -20.51 14.71 9.42
C LEU C 109 -21.96 14.44 9.76
N GLU C 110 -22.64 15.46 10.27
CA GLU C 110 -24.06 15.39 10.56
C GLU C 110 -24.77 16.64 10.03
N LEU C 111 -26.04 16.82 10.37
CA LEU C 111 -26.79 18.02 10.03
C LEU C 111 -27.24 18.70 11.30
N LYS C 112 -27.13 20.02 11.35
CA LYS C 112 -27.55 20.77 12.53
C LYS C 112 -29.06 20.71 12.70
N ARG C 113 -29.49 20.77 13.95
CA ARG C 113 -30.90 20.84 14.30
C ARG C 113 -31.11 21.98 15.29
N ALA C 114 -32.30 22.58 15.24
CA ALA C 114 -32.57 23.75 16.07
C ALA C 114 -32.46 23.42 17.54
N ASP C 115 -33.15 22.38 18.00
CA ASP C 115 -33.11 21.95 19.38
C ASP C 115 -33.58 20.50 19.47
N ALA C 116 -33.41 19.92 20.66
CA ALA C 116 -33.77 18.53 20.92
C ALA C 116 -34.76 18.46 22.07
N ALA C 117 -35.76 17.61 21.92
CA ALA C 117 -36.74 17.34 22.97
C ALA C 117 -36.85 15.82 23.13
N PRO C 118 -35.89 15.21 23.81
CA PRO C 118 -35.90 13.76 23.96
C PRO C 118 -37.13 13.28 24.72
N THR C 119 -37.66 12.13 24.29
CA THR C 119 -38.84 11.54 24.89
C THR C 119 -38.44 10.29 25.65
N VAL C 120 -38.88 10.18 26.89
CA VAL C 120 -38.54 9.07 27.77
C VAL C 120 -39.67 8.07 27.79
N SER C 121 -39.32 6.79 27.94
CA SER C 121 -40.30 5.72 28.05
C SER C 121 -39.62 4.49 28.63
N ILE C 122 -40.19 3.96 29.71
CA ILE C 122 -39.64 2.82 30.42
C ILE C 122 -40.63 1.67 30.33
N PHE C 123 -40.11 0.44 30.29
CA PHE C 123 -40.94 -0.75 30.15
C PHE C 123 -40.52 -1.82 31.16
N PRO C 124 -41.47 -2.50 31.79
CA PRO C 124 -41.13 -3.63 32.65
C PRO C 124 -40.79 -4.85 31.82
N PRO C 125 -40.15 -5.86 32.40
CA PRO C 125 -39.91 -7.10 31.66
C PRO C 125 -41.22 -7.78 31.28
N SER C 126 -41.19 -8.49 30.16
CA SER C 126 -42.39 -9.14 29.65
C SER C 126 -42.88 -10.23 30.60
N SER C 127 -44.17 -10.53 30.51
CA SER C 127 -44.77 -11.51 31.40
C SER C 127 -44.15 -12.89 31.21
N GLU C 128 -43.95 -13.30 29.96
CA GLU C 128 -43.32 -14.59 29.70
C GLU C 128 -41.81 -14.55 29.88
N GLN C 129 -41.22 -13.35 29.93
CA GLN C 129 -39.78 -13.24 30.13
C GLN C 129 -39.37 -13.80 31.49
N LEU C 130 -40.15 -13.51 32.54
CA LEU C 130 -39.81 -13.99 33.87
C LEU C 130 -39.83 -15.51 33.93
N THR C 131 -40.76 -16.14 33.20
CA THR C 131 -40.82 -17.59 33.16
C THR C 131 -39.62 -18.21 32.48
N SER C 132 -38.93 -17.46 31.62
CA SER C 132 -37.77 -17.97 30.90
C SER C 132 -36.53 -18.10 31.77
N GLY C 133 -36.56 -17.59 33.00
CA GLY C 133 -35.42 -17.65 33.89
C GLY C 133 -34.58 -16.40 33.96
N GLY C 134 -35.00 -15.32 33.32
CA GLY C 134 -34.28 -14.06 33.36
C GLY C 134 -35.24 -12.90 33.22
N ALA C 135 -34.68 -11.71 33.29
CA ALA C 135 -35.48 -10.49 33.15
C ALA C 135 -34.61 -9.39 32.56
N SER C 136 -35.26 -8.41 31.94
CA SER C 136 -34.55 -7.29 31.34
C SER C 136 -35.49 -6.10 31.28
N VAL C 137 -35.14 -5.03 31.99
CA VAL C 137 -35.90 -3.78 31.94
C VAL C 137 -35.30 -2.91 30.86
N VAL C 138 -36.15 -2.36 29.99
CA VAL C 138 -35.71 -1.63 28.82
C VAL C 138 -36.35 -0.24 28.83
N CYS C 139 -35.51 0.76 28.51
CA CYS C 139 -35.99 2.11 28.29
C CYS C 139 -35.20 2.70 27.13
N PHE C 140 -35.92 3.26 26.16
CA PHE C 140 -35.29 3.82 24.97
C PHE C 140 -35.70 5.27 24.78
N LEU C 141 -34.74 6.08 24.33
CA LEU C 141 -34.90 7.52 24.18
C LEU C 141 -35.03 7.86 22.71
N ASN C 142 -36.00 8.72 22.38
CA ASN C 142 -36.30 9.05 21.00
C ASN C 142 -36.13 10.55 20.75
N ASN C 143 -35.65 10.86 19.54
CA ASN C 143 -35.68 12.23 18.99
C ASN C 143 -34.93 13.22 19.88
N PHE C 144 -33.62 13.00 20.00
CA PHE C 144 -32.72 13.97 20.59
C PHE C 144 -31.56 14.18 19.61
N TYR C 145 -31.25 15.44 19.31
CA TYR C 145 -30.25 15.71 18.28
C TYR C 145 -28.82 15.48 18.78
N PRO C 146 -28.35 16.15 19.83
CA PRO C 146 -26.94 16.01 20.21
C PRO C 146 -26.61 14.57 20.60
N LYS C 147 -25.43 14.12 20.19
CA LYS C 147 -25.03 12.74 20.47
C LYS C 147 -24.63 12.54 21.92
N ASP C 148 -24.05 13.56 22.55
CA ASP C 148 -23.64 13.44 23.95
C ASP C 148 -24.87 13.33 24.83
N ILE C 149 -25.14 12.12 25.31
CA ILE C 149 -26.29 11.87 26.18
C ILE C 149 -25.90 10.77 27.15
N ASN C 150 -26.42 10.86 28.37
CA ASN C 150 -26.09 9.91 29.42
C ASN C 150 -27.37 9.29 29.97
N VAL C 151 -27.30 7.99 30.23
CA VAL C 151 -28.39 7.25 30.86
C VAL C 151 -27.81 6.41 31.99
N LYS C 152 -28.49 6.40 33.13
CA LYS C 152 -28.03 5.64 34.28
C LYS C 152 -29.24 5.11 35.02
N TRP C 153 -29.02 4.04 35.80
CA TRP C 153 -30.08 3.33 36.49
C TRP C 153 -29.92 3.51 38.00
N LYS C 154 -30.98 3.98 38.65
CA LYS C 154 -31.01 4.19 40.09
C LYS C 154 -32.00 3.22 40.70
N ILE C 155 -31.58 2.51 41.74
CA ILE C 155 -32.43 1.55 42.44
C ILE C 155 -32.37 1.86 43.92
N ASP C 156 -33.52 2.22 44.50
CA ASP C 156 -33.63 2.52 45.93
C ASP C 156 -32.64 3.60 46.34
N GLY C 157 -32.40 4.55 45.45
CA GLY C 157 -31.41 5.58 45.70
C GLY C 157 -29.98 5.12 45.58
N SER C 158 -29.75 3.92 45.05
CA SER C 158 -28.41 3.36 44.90
C SER C 158 -28.14 3.08 43.44
N GLU C 159 -26.93 3.41 42.99
CA GLU C 159 -26.53 3.27 41.59
C GLU C 159 -25.68 2.01 41.44
N ARG C 160 -25.89 1.28 40.34
CA ARG C 160 -25.14 0.07 40.06
C ARG C 160 -24.25 0.19 38.84
N GLN C 161 -24.76 0.73 37.73
CA GLN C 161 -23.97 0.96 36.52
C GLN C 161 -23.26 -0.31 36.05
N ASN C 162 -23.92 -1.45 36.22
CA ASN C 162 -23.39 -2.74 35.80
C ASN C 162 -24.46 -3.51 35.04
N GLY C 163 -24.03 -4.30 34.06
CA GLY C 163 -24.97 -5.06 33.25
C GLY C 163 -25.91 -4.18 32.45
N VAL C 164 -25.44 -3.03 31.98
CA VAL C 164 -26.23 -2.09 31.21
C VAL C 164 -25.73 -2.10 29.77
N LEU C 165 -26.67 -2.17 28.83
CA LEU C 165 -26.34 -2.28 27.42
C LEU C 165 -26.94 -1.09 26.69
N ASN C 166 -26.16 -0.45 25.82
CA ASN C 166 -26.54 0.78 25.15
C ASN C 166 -26.43 0.63 23.64
N SER C 167 -27.38 1.23 22.92
CA SER C 167 -27.41 1.19 21.47
C SER C 167 -27.93 2.51 20.94
N TRP C 168 -27.41 2.94 19.80
CA TRP C 168 -27.74 4.24 19.22
C TRP C 168 -28.30 4.05 17.80
N THR C 169 -29.20 4.95 17.42
CA THR C 169 -29.73 4.98 16.07
C THR C 169 -28.71 5.69 15.18
N ASP C 170 -28.90 5.66 13.86
CA ASP C 170 -27.92 6.17 12.92
C ASP C 170 -28.42 7.38 12.14
N GLN C 171 -29.18 8.28 12.79
CA GLN C 171 -29.59 9.56 12.22
C GLN C 171 -30.36 9.36 10.92
N ASP C 172 -31.57 8.83 11.07
CA ASP C 172 -32.45 8.57 9.94
C ASP C 172 -32.68 9.83 9.13
N SER C 173 -32.76 9.66 7.81
CA SER C 173 -32.82 10.81 6.90
C SER C 173 -34.14 11.56 6.96
N LYS C 174 -35.17 11.00 7.60
CA LYS C 174 -36.45 11.70 7.70
C LYS C 174 -36.30 12.99 8.48
N ASP C 175 -35.60 12.94 9.61
CA ASP C 175 -35.22 14.13 10.36
C ASP C 175 -33.89 13.86 11.04
N SER C 176 -33.07 14.91 11.13
CA SER C 176 -31.66 14.73 11.45
C SER C 176 -31.43 14.29 12.90
N THR C 177 -32.48 13.99 13.65
CA THR C 177 -32.34 13.48 15.00
C THR C 177 -32.12 11.97 14.98
N TYR C 178 -31.74 11.42 16.13
CA TYR C 178 -31.54 9.99 16.27
C TYR C 178 -31.82 9.57 17.71
N SER C 179 -32.11 8.29 17.88
CA SER C 179 -32.64 7.74 19.12
C SER C 179 -31.56 6.97 19.89
N MET C 180 -31.96 6.44 21.03
CA MET C 180 -31.10 5.66 21.91
C MET C 180 -31.94 4.62 22.65
N SER C 181 -31.33 3.48 22.93
CA SER C 181 -31.99 2.41 23.68
C SER C 181 -31.07 1.92 24.78
N SER C 182 -31.65 1.62 25.94
CA SER C 182 -30.92 1.13 27.08
C SER C 182 -31.60 -0.10 27.65
N THR C 183 -30.83 -1.16 27.85
CA THR C 183 -31.33 -2.42 28.42
C THR C 183 -30.47 -2.84 29.59
N LEU C 184 -31.12 -3.27 30.66
CA LEU C 184 -30.45 -3.82 31.83
C LEU C 184 -30.82 -5.29 31.95
N THR C 185 -29.81 -6.15 31.87
CA THR C 185 -30.02 -7.60 31.87
C THR C 185 -29.68 -8.17 33.23
N LEU C 186 -30.57 -9.02 33.75
CA LEU C 186 -30.38 -9.62 35.06
C LEU C 186 -31.08 -10.97 35.10
N THR C 187 -30.47 -11.92 35.81
CA THR C 187 -31.00 -13.27 35.88
C THR C 187 -32.08 -13.36 36.96
N LYS C 188 -32.59 -14.57 37.17
CA LYS C 188 -33.69 -14.79 38.09
C LYS C 188 -33.20 -14.83 39.54
N ASP C 189 -34.16 -14.74 40.45
CA ASP C 189 -33.99 -14.82 41.91
C ASP C 189 -33.34 -13.58 42.51
N GLU C 190 -33.20 -12.49 41.75
CA GLU C 190 -32.72 -11.24 42.33
C GLU C 190 -33.47 -10.02 41.80
N TYR C 191 -34.49 -10.22 40.96
CA TYR C 191 -35.20 -9.09 40.38
C TYR C 191 -36.10 -8.40 41.40
N GLU C 192 -36.77 -9.18 42.25
CA GLU C 192 -37.80 -8.65 43.13
C GLU C 192 -37.28 -8.26 44.51
N ARG C 193 -35.98 -8.41 44.76
CA ARG C 193 -35.43 -8.04 46.06
C ARG C 193 -35.14 -6.56 46.19
N HIS C 194 -35.18 -5.80 45.10
CA HIS C 194 -34.90 -4.38 45.12
C HIS C 194 -36.07 -3.53 44.63
N ASN C 195 -36.79 -3.96 43.60
CA ASN C 195 -37.87 -3.19 42.98
C ASN C 195 -37.27 -1.88 42.48
N SER C 196 -37.96 -0.75 42.64
CA SER C 196 -37.48 0.57 42.23
C SER C 196 -37.21 0.61 40.73
N TYR C 197 -35.94 0.47 40.34
CA TYR C 197 -35.51 0.55 38.95
C TYR C 197 -35.90 1.90 38.32
N THR C 198 -35.32 2.96 38.88
CA THR C 198 -35.57 4.31 38.40
C THR C 198 -34.59 4.67 37.29
N CYS C 199 -35.10 5.33 36.25
CA CYS C 199 -34.31 5.76 35.12
C CYS C 199 -34.11 7.27 35.14
N GLU C 200 -32.87 7.69 34.95
CA GLU C 200 -32.53 9.11 34.90
C GLU C 200 -31.76 9.39 33.62
N ALA C 201 -32.19 10.41 32.88
CA ALA C 201 -31.56 10.82 31.63
C ALA C 201 -31.08 12.25 31.77
N THR C 202 -29.81 12.48 31.43
CA THR C 202 -29.21 13.81 31.47
C THR C 202 -28.82 14.22 30.05
N HIS C 203 -29.26 15.40 29.64
CA HIS C 203 -28.99 15.89 28.30
C HIS C 203 -28.78 17.40 28.35
N LYS C 204 -28.11 17.92 27.31
CA LYS C 204 -27.80 19.33 27.25
C LYS C 204 -29.00 20.20 26.91
N THR C 205 -30.13 19.61 26.51
CA THR C 205 -31.31 20.41 26.19
C THR C 205 -31.97 20.98 27.44
N SER C 206 -31.69 20.41 28.61
CA SER C 206 -32.24 20.90 29.87
C SER C 206 -31.26 20.60 30.99
N THR C 207 -30.95 21.63 31.78
CA THR C 207 -30.02 21.46 32.89
C THR C 207 -30.55 20.46 33.91
N SER C 208 -31.84 20.52 34.21
CA SER C 208 -32.45 19.55 35.12
C SER C 208 -32.58 18.22 34.41
N PRO C 209 -32.02 17.14 34.94
CA PRO C 209 -32.12 15.84 34.27
C PRO C 209 -33.54 15.31 34.30
N ILE C 210 -33.87 14.50 33.30
CA ILE C 210 -35.18 13.85 33.22
C ILE C 210 -35.07 12.50 33.91
N VAL C 211 -35.93 12.28 34.91
CA VAL C 211 -35.90 11.07 35.73
C VAL C 211 -37.26 10.39 35.64
N LYS C 212 -37.24 9.07 35.47
CA LYS C 212 -38.46 8.27 35.40
C LYS C 212 -38.40 7.17 36.44
N SER C 213 -39.32 7.19 37.38
CA SER C 213 -39.40 6.19 38.44
C SER C 213 -40.29 5.03 38.00
N PHE C 214 -40.06 3.88 38.62
CA PHE C 214 -40.82 2.68 38.32
C PHE C 214 -41.25 2.03 39.63
N ASN C 215 -42.44 1.43 39.63
CA ASN C 215 -43.00 0.78 40.79
C ASN C 215 -43.41 -0.65 40.44
N ARG C 216 -43.33 -1.54 41.43
CA ARG C 216 -43.68 -2.94 41.26
C ARG C 216 -42.89 -3.59 40.13
#